data_8R5Z
#
_entry.id   8R5Z
#
_entity_poly.entity_id   1
_entity_poly.type   'polypeptide(L)'
_entity_poly.pdbx_seq_one_letter_code
;MGAQVSTQKTGAHETGLNASGNSIIHYTNMNYYKDSASNSANRQEFAQDPGKFTEPVKDIMIKSMPALNSPSAEECGYSD
RVRSITLGNSTITTQECANVVVGYGTWPTYLRDEEATAEDQPTQPDVATCRFYTLESVMWQQSSPGWWWKFPDALSNMGL
FGQNMQYHYLGRAGYTLHVQCNASKFHQGCLLVVCVPEAEMGCATIANKPDQKSLSNGETANVFDSQNTSGQTAVQANVI
NAGMGIGVGNLTIFPHQWINLRTNNSATIVMPYVNSVPMDNMFRHNNFTLMIIPFAPLSYSTGATTYVPITVTVAPMCAE
YNGLRLAGRQGLPTMLTPGSNQFLTSDDFQSPSAMPQFDVTPEMAIPGQVNNLMEIAEVDSVVPVNNTEGKVMSIEAYQI
PVQSNSTNGSQVFGFPLIPGASSVLNRTLLGEILNYYTHWSGSIKLTFMFCGSAMATGKFLLAYSPPGAGAPTTRKEAML
GTHVIWDVGLQSSCVLCIPWISQTHYRYVVMDEYTAGGYITCWYQTNIVVPADTQSDCKILCFVSACNDFSVRMLKDTPF
IKQDSFFQGPPGEAIERAIARVADTISSGPVNSESIPALTAAETGHTSQVVPADTMQTRHVKNYHSRSESTVENFLCRSA
CVYYTTYKNHGTDGDNFAQWVINTRQVAQLRRKLEMFTYARFDLELTFVITSSQEQSTIKGQDSPVLTHQIMYVPPGGPV
PTKINSYSWQTSTNPSVFWTEGSAPPRISIPFISIGNAYSMFYDGWARFDKQGTYGINTLNNMGTLYMRHVNDGSPGPIV
STVRIYFKPKHVKTWVPRPPRLCQYQKAGNVNFEPSGVTEGRTEITAMQTT
;
_entity_poly.pdbx_strand_id   A,B,C
#
# COMPACT_ATOMS: atom_id res chain seq x y z
N ASN A 623 24.50 -13.34 -10.71
CA ASN A 623 23.14 -13.66 -11.11
C ASN A 623 22.21 -12.49 -10.69
N TYR A 624 21.80 -12.44 -9.40
CA TYR A 624 20.89 -11.40 -8.88
C TYR A 624 21.57 -10.27 -8.14
N HIS A 625 22.70 -10.54 -7.51
CA HIS A 625 23.37 -9.57 -6.66
C HIS A 625 24.09 -8.48 -7.45
N SER A 626 24.57 -8.78 -8.66
CA SER A 626 25.29 -7.76 -9.44
C SER A 626 24.31 -6.91 -10.24
N ARG A 627 23.42 -6.26 -9.52
CA ARG A 627 22.33 -5.45 -10.03
C ARG A 627 22.03 -4.33 -9.05
N SER A 628 21.21 -3.39 -9.45
CA SER A 628 20.82 -2.28 -8.59
C SER A 628 20.24 -2.71 -7.26
N GLU A 629 20.53 -1.97 -6.19
CA GLU A 629 19.99 -2.33 -4.88
C GLU A 629 18.52 -1.96 -4.75
N SER A 630 18.00 -1.30 -5.77
CA SER A 630 16.61 -0.94 -5.87
C SER A 630 15.76 -2.10 -6.39
N THR A 631 16.39 -3.16 -6.89
CA THR A 631 15.61 -4.27 -7.46
C THR A 631 14.92 -4.99 -6.31
N VAL A 632 13.81 -5.66 -6.59
CA VAL A 632 13.07 -6.35 -5.54
C VAL A 632 13.87 -7.43 -4.84
N GLU A 633 14.64 -8.22 -5.58
CA GLU A 633 15.41 -9.28 -4.96
C GLU A 633 16.44 -8.73 -3.98
N ASN A 634 17.13 -7.64 -4.32
CA ASN A 634 18.11 -7.12 -3.39
C ASN A 634 17.48 -6.47 -2.18
N PHE A 635 16.30 -5.90 -2.35
CA PHE A 635 15.58 -5.28 -1.25
C PHE A 635 15.13 -6.32 -0.21
N LEU A 636 14.56 -7.42 -0.68
CA LEU A 636 14.04 -8.45 0.20
C LEU A 636 14.95 -9.64 0.52
N CYS A 637 15.90 -10.01 -0.33
CA CYS A 637 16.70 -11.22 -0.07
C CYS A 637 17.88 -10.95 0.85
N ARG A 638 17.57 -10.62 2.09
CA ARG A 638 18.57 -10.35 3.11
C ARG A 638 18.19 -11.18 4.32
N SER A 639 19.19 -11.73 4.99
CA SER A 639 19.01 -12.54 6.19
C SER A 639 18.55 -11.74 7.37
N ALA A 640 17.69 -12.31 8.18
CA ALA A 640 17.27 -11.66 9.41
C ALA A 640 17.11 -12.68 10.51
N CYS A 641 17.31 -12.26 11.73
CA CYS A 641 17.05 -13.15 12.83
C CYS A 641 15.59 -12.95 13.11
N VAL A 642 14.82 -14.01 12.96
CA VAL A 642 13.40 -13.89 13.14
C VAL A 642 12.92 -14.54 14.38
N TYR A 643 13.71 -15.42 14.95
CA TYR A 643 13.22 -16.00 16.18
C TYR A 643 14.30 -16.41 17.15
N TYR A 644 14.08 -16.07 18.42
CA TYR A 644 14.99 -16.44 19.48
C TYR A 644 14.29 -17.21 20.58
N THR A 645 14.78 -18.39 20.89
CA THR A 645 14.20 -19.22 21.94
C THR A 645 15.13 -20.12 22.68
N THR A 646 14.58 -20.82 23.67
CA THR A 646 15.34 -21.80 24.45
C THR A 646 14.58 -23.12 24.69
N TYR A 647 15.35 -24.18 24.98
CA TYR A 647 14.75 -25.50 25.33
C TYR A 647 15.75 -26.27 26.21
N LYS A 648 15.27 -27.13 27.12
CA LYS A 648 16.13 -27.85 28.06
C LYS A 648 16.12 -29.35 27.85
N ASN A 649 17.14 -30.03 28.38
CA ASN A 649 17.21 -31.49 28.24
C ASN A 649 16.43 -32.23 29.32
N HIS A 650 15.81 -31.48 30.21
CA HIS A 650 15.05 -32.02 31.32
C HIS A 650 13.86 -31.12 31.65
N GLY A 651 12.79 -31.72 32.24
CA GLY A 651 11.60 -31.04 32.70
C GLY A 651 10.38 -31.96 32.56
N ASN A 656 9.89 -28.97 27.22
CA ASN A 656 11.18 -29.61 26.92
C ASN A 656 11.65 -29.39 25.45
N PHE A 657 10.83 -28.78 24.58
CA PHE A 657 11.17 -28.52 23.17
C PHE A 657 10.73 -27.15 22.76
N ALA A 658 11.40 -26.61 21.76
CA ALA A 658 11.08 -25.31 21.23
C ALA A 658 10.28 -25.43 19.97
N GLN A 659 9.49 -24.41 19.68
CA GLN A 659 8.77 -24.39 18.42
C GLN A 659 8.56 -23.00 17.88
N TRP A 660 8.44 -22.91 16.56
CA TRP A 660 8.16 -21.65 15.88
C TRP A 660 7.32 -21.87 14.64
N VAL A 661 6.21 -21.15 14.53
CA VAL A 661 5.39 -21.25 13.34
C VAL A 661 5.97 -20.28 12.36
N ILE A 662 6.26 -20.73 11.16
CA ILE A 662 6.95 -19.86 10.25
C ILE A 662 6.04 -18.72 9.87
N ASN A 663 6.56 -17.52 10.00
CA ASN A 663 5.81 -16.32 9.78
C ASN A 663 6.68 -15.23 9.20
N THR A 664 6.03 -14.27 8.58
CA THR A 664 6.66 -13.09 7.99
C THR A 664 6.28 -11.81 8.71
N ARG A 665 5.43 -11.92 9.72
CA ARG A 665 4.97 -10.77 10.50
C ARG A 665 5.64 -10.69 11.86
N GLN A 666 6.61 -11.57 12.06
CA GLN A 666 7.36 -11.72 13.29
C GLN A 666 8.30 -10.52 13.63
N VAL A 667 8.89 -9.93 12.60
CA VAL A 667 9.86 -8.84 12.72
C VAL A 667 9.38 -7.59 12.02
N ALA A 668 9.37 -6.44 12.70
CA ALA A 668 8.85 -5.22 12.09
C ALA A 668 9.58 -4.75 10.84
N GLN A 669 10.91 -4.87 10.75
CA GLN A 669 11.56 -4.37 9.52
C GLN A 669 11.23 -5.26 8.33
N LEU A 670 11.17 -6.56 8.56
CA LEU A 670 10.87 -7.52 7.51
C LEU A 670 9.43 -7.39 7.09
N ARG A 671 8.55 -7.27 8.08
CA ARG A 671 7.15 -7.16 7.84
C ARG A 671 6.86 -5.93 7.02
N ARG A 672 7.46 -4.80 7.38
CA ARG A 672 7.23 -3.59 6.64
C ARG A 672 7.65 -3.68 5.20
N LYS A 673 8.81 -4.27 4.91
CA LYS A 673 9.23 -4.36 3.53
C LYS A 673 8.32 -5.28 2.71
N LEU A 674 7.92 -6.42 3.27
CA LEU A 674 7.05 -7.34 2.55
C LEU A 674 5.67 -6.76 2.33
N GLU A 675 5.18 -5.97 3.28
CA GLU A 675 3.86 -5.37 3.19
C GLU A 675 3.76 -4.20 2.21
N MET A 676 4.83 -3.90 1.50
CA MET A 676 4.77 -2.91 0.44
C MET A 676 4.22 -3.55 -0.83
N PHE A 677 3.93 -4.84 -0.77
CA PHE A 677 3.40 -5.62 -1.87
C PHE A 677 2.11 -6.30 -1.41
N THR A 678 1.28 -6.77 -2.32
CA THR A 678 0.05 -7.40 -1.88
C THR A 678 0.23 -8.91 -1.95
N TYR A 679 0.93 -9.36 -2.98
CA TYR A 679 1.13 -10.78 -3.15
C TYR A 679 2.62 -11.02 -3.32
N ALA A 680 3.10 -12.16 -2.86
CA ALA A 680 4.50 -12.49 -3.07
C ALA A 680 4.71 -13.97 -3.20
N ARG A 681 5.70 -14.34 -3.95
CA ARG A 681 6.05 -15.72 -4.12
C ARG A 681 7.55 -15.87 -3.91
N PHE A 682 7.95 -16.69 -2.96
CA PHE A 682 9.37 -16.88 -2.68
C PHE A 682 9.69 -18.20 -2.03
N ASP A 683 10.97 -18.58 -2.09
CA ASP A 683 11.48 -19.76 -1.38
C ASP A 683 12.11 -19.30 -0.08
N LEU A 684 12.19 -20.17 0.91
CA LEU A 684 12.79 -19.83 2.19
C LEU A 684 14.09 -20.53 2.52
N GLU A 685 15.09 -19.77 2.95
CA GLU A 685 16.32 -20.38 3.43
C GLU A 685 16.40 -20.20 4.95
N LEU A 686 16.57 -21.31 5.67
CA LEU A 686 16.65 -21.25 7.13
C LEU A 686 17.98 -21.77 7.69
N THR A 687 18.66 -20.90 8.46
CA THR A 687 19.95 -21.24 9.07
C THR A 687 19.79 -21.18 10.59
N PHE A 688 20.30 -22.18 11.29
CA PHE A 688 20.12 -22.23 12.73
C PHE A 688 21.38 -22.04 13.55
N VAL A 689 21.42 -21.02 14.39
CA VAL A 689 22.60 -20.85 15.23
C VAL A 689 22.25 -21.37 16.61
N ILE A 690 22.89 -22.46 16.99
CA ILE A 690 22.55 -23.14 18.23
C ILE A 690 23.73 -23.19 19.17
N THR A 691 23.52 -22.75 20.40
CA THR A 691 24.56 -22.81 21.41
C THR A 691 23.98 -23.44 22.66
N SER A 692 24.82 -23.85 23.60
CA SER A 692 24.32 -24.49 24.81
C SER A 692 25.21 -24.26 26.02
N SER A 693 24.65 -24.56 27.18
CA SER A 693 25.34 -24.45 28.47
C SER A 693 24.87 -25.52 29.45
N GLN A 694 25.77 -25.98 30.35
CA GLN A 694 25.49 -26.99 31.39
C GLN A 694 24.74 -26.36 32.58
N PRO A 705 30.66 -36.28 26.19
CA PRO A 705 29.91 -36.71 25.02
C PRO A 705 29.58 -35.50 24.09
N VAL A 706 29.26 -35.83 22.83
CA VAL A 706 28.88 -34.89 21.77
C VAL A 706 27.38 -34.64 21.80
N LEU A 707 26.97 -33.37 21.83
CA LEU A 707 25.53 -33.09 21.89
C LEU A 707 24.91 -32.95 20.51
N THR A 708 23.85 -33.74 20.31
CA THR A 708 23.09 -33.82 19.08
C THR A 708 21.74 -33.15 19.27
N HIS A 709 21.34 -32.37 18.28
CA HIS A 709 20.06 -31.68 18.28
C HIS A 709 19.24 -32.11 17.08
N GLN A 710 17.92 -32.16 17.24
CA GLN A 710 17.02 -32.47 16.12
C GLN A 710 16.11 -31.32 15.77
N ILE A 711 16.16 -30.90 14.51
CA ILE A 711 15.30 -29.84 14.04
C ILE A 711 14.27 -30.46 13.11
N MET A 712 13.01 -30.33 13.44
CA MET A 712 11.96 -30.92 12.62
C MET A 712 11.07 -29.92 11.96
N TYR A 713 10.80 -30.15 10.69
CA TYR A 713 9.89 -29.31 9.95
C TYR A 713 8.62 -30.04 9.67
N VAL A 714 7.51 -29.43 10.04
CA VAL A 714 6.23 -30.03 9.79
C VAL A 714 5.53 -29.21 8.71
N PRO A 715 5.30 -29.75 7.51
CA PRO A 715 4.67 -29.08 6.40
C PRO A 715 3.26 -28.76 6.82
N PRO A 716 2.57 -27.82 6.20
CA PRO A 716 1.20 -27.51 6.49
C PRO A 716 0.41 -28.78 6.40
N GLY A 717 -0.41 -29.06 7.40
CA GLY A 717 -1.22 -30.26 7.40
C GLY A 717 -0.54 -31.47 8.08
N GLY A 718 0.73 -31.37 8.43
CA GLY A 718 1.39 -32.50 9.06
C GLY A 718 1.05 -32.54 10.55
N PRO A 719 1.32 -33.64 11.25
CA PRO A 719 1.15 -33.81 12.68
C PRO A 719 2.20 -33.05 13.42
N VAL A 720 1.89 -32.60 14.62
CA VAL A 720 2.85 -31.90 15.44
C VAL A 720 2.97 -32.58 16.80
N PRO A 721 4.11 -32.48 17.49
CA PRO A 721 4.35 -32.98 18.82
C PRO A 721 3.66 -32.14 19.84
N THR A 722 3.32 -32.75 20.96
CA THR A 722 2.78 -32.02 22.07
C THR A 722 3.69 -32.32 23.23
N LYS A 723 4.40 -33.41 23.05
CA LYS A 723 5.31 -33.94 24.04
C LYS A 723 6.68 -34.15 23.44
N ILE A 724 7.69 -34.19 24.29
CA ILE A 724 9.05 -34.41 23.86
C ILE A 724 9.22 -35.76 23.16
N ASN A 725 8.38 -36.73 23.53
CA ASN A 725 8.38 -38.05 22.96
C ASN A 725 7.16 -38.39 22.10
N SER A 726 6.47 -37.38 21.54
CA SER A 726 5.32 -37.68 20.69
C SER A 726 5.76 -38.42 19.43
N TYR A 727 4.88 -39.27 18.91
CA TYR A 727 5.17 -40.07 17.73
C TYR A 727 5.50 -39.25 16.49
N SER A 728 5.04 -38.00 16.46
CA SER A 728 5.20 -37.13 15.32
C SER A 728 6.66 -36.80 15.03
N TRP A 729 7.54 -37.00 16.02
CA TRP A 729 8.96 -36.74 15.87
C TRP A 729 9.63 -37.73 14.93
N GLN A 730 8.97 -38.87 14.72
CA GLN A 730 9.45 -39.94 13.87
C GLN A 730 8.68 -40.06 12.54
N THR A 731 7.81 -39.10 12.23
CA THR A 731 7.03 -39.17 11.01
C THR A 731 7.92 -38.94 9.79
N SER A 732 7.81 -39.82 8.80
CA SER A 732 8.65 -39.79 7.60
C SER A 732 8.37 -38.64 6.66
N THR A 733 7.23 -38.00 6.84
CA THR A 733 6.81 -36.89 6.03
C THR A 733 7.04 -35.58 6.73
N ASN A 734 7.69 -35.60 7.89
CA ASN A 734 8.07 -34.41 8.63
C ASN A 734 9.60 -34.39 8.67
N PRO A 735 10.30 -33.76 7.70
CA PRO A 735 11.74 -33.80 7.55
C PRO A 735 12.46 -33.34 8.78
N SER A 736 13.54 -34.03 9.11
CA SER A 736 14.33 -33.63 10.26
C SER A 736 15.79 -33.45 9.92
N VAL A 737 16.46 -32.62 10.70
CA VAL A 737 17.88 -32.46 10.62
C VAL A 737 18.55 -32.83 11.93
N PHE A 738 19.48 -33.75 11.86
CA PHE A 738 20.25 -34.16 13.02
C PHE A 738 21.63 -33.53 12.95
N TRP A 739 21.96 -32.75 13.96
CA TRP A 739 23.20 -32.00 13.95
C TRP A 739 23.95 -32.02 15.27
N THR A 740 25.28 -32.00 15.20
CA THR A 740 26.06 -31.92 16.42
C THR A 740 26.90 -30.68 16.54
N GLU A 741 27.10 -30.30 17.78
CA GLU A 741 27.87 -29.12 18.09
C GLU A 741 29.30 -29.25 17.62
N GLY A 742 29.83 -28.15 17.09
CA GLY A 742 31.20 -28.06 16.58
C GLY A 742 31.22 -28.04 15.06
N SER A 743 30.14 -28.43 14.42
CA SER A 743 30.02 -28.40 12.97
C SER A 743 29.47 -27.07 12.50
N ALA A 744 29.50 -26.83 11.19
CA ALA A 744 28.93 -25.60 10.67
C ALA A 744 27.45 -25.64 11.03
N PRO A 745 26.76 -24.51 11.23
CA PRO A 745 25.34 -24.45 11.58
C PRO A 745 24.47 -25.20 10.59
N PRO A 746 23.31 -25.79 11.00
CA PRO A 746 22.36 -26.47 10.17
C PRO A 746 21.74 -25.53 9.18
N ARG A 747 21.44 -26.03 8.00
CA ARG A 747 20.76 -25.22 7.01
C ARG A 747 19.82 -26.02 6.12
N ILE A 748 18.59 -25.54 5.96
CA ILE A 748 17.64 -26.17 5.03
C ILE A 748 16.93 -25.17 4.13
N SER A 749 16.47 -25.65 2.98
CA SER A 749 15.65 -24.87 2.09
C SER A 749 14.21 -25.38 1.96
N ILE A 750 13.27 -24.47 2.11
CA ILE A 750 11.86 -24.80 1.95
C ILE A 750 11.35 -24.04 0.73
N PRO A 751 10.80 -24.71 -0.29
CA PRO A 751 10.33 -24.12 -1.52
C PRO A 751 9.04 -23.38 -1.30
N PHE A 752 8.61 -22.60 -2.28
CA PHE A 752 7.27 -22.06 -2.18
C PHE A 752 6.32 -23.23 -2.01
N ILE A 753 5.48 -23.18 -0.97
CA ILE A 753 4.56 -24.30 -0.71
C ILE A 753 3.07 -24.01 -0.58
N SER A 754 2.59 -22.90 -1.09
CA SER A 754 1.17 -22.66 -0.97
C SER A 754 0.42 -23.34 -2.09
N ILE A 755 -0.83 -23.64 -1.82
CA ILE A 755 -1.78 -24.14 -2.80
C ILE A 755 -2.14 -23.04 -3.79
N GLY A 756 -2.18 -21.78 -3.34
CA GLY A 756 -2.51 -20.69 -4.23
C GLY A 756 -1.25 -20.35 -5.01
N ASN A 757 -1.26 -19.31 -5.84
CA ASN A 757 -0.09 -19.07 -6.66
C ASN A 757 0.86 -18.06 -6.06
N ALA A 758 0.46 -17.50 -4.92
CA ALA A 758 1.24 -16.51 -4.21
C ALA A 758 0.80 -16.47 -2.77
N TYR A 759 1.65 -15.97 -1.90
CA TYR A 759 1.30 -15.75 -0.52
C TYR A 759 0.62 -14.40 -0.51
N SER A 760 -0.39 -14.23 0.32
CA SER A 760 -1.06 -12.94 0.40
C SER A 760 -0.63 -12.18 1.63
N MET A 761 -0.18 -10.94 1.44
CA MET A 761 0.24 -10.16 2.60
C MET A 761 -0.98 -9.58 3.31
N PHE A 762 -2.04 -9.33 2.52
CA PHE A 762 -3.30 -8.76 2.98
C PHE A 762 -4.46 -9.61 2.53
N TYR A 763 -5.54 -9.61 3.30
CA TYR A 763 -6.70 -10.38 2.90
C TYR A 763 -8.01 -9.76 3.32
N ASP A 764 -8.69 -9.12 2.39
CA ASP A 764 -9.94 -8.45 2.75
C ASP A 764 -11.08 -9.44 2.69
N GLY A 765 -11.11 -10.32 3.68
CA GLY A 765 -12.06 -11.40 3.71
C GLY A 765 -11.97 -12.24 4.96
N TRP A 766 -12.75 -13.30 4.99
CA TRP A 766 -12.86 -14.18 6.13
C TRP A 766 -12.56 -15.63 5.80
N ALA A 767 -11.92 -16.34 6.74
CA ALA A 767 -11.77 -17.80 6.57
C ALA A 767 -13.15 -18.44 6.64
N ARG A 768 -14.03 -17.87 7.50
CA ARG A 768 -15.41 -18.31 7.63
C ARG A 768 -16.24 -17.01 7.68
N PHE A 769 -17.21 -16.86 6.79
CA PHE A 769 -17.94 -15.58 6.70
C PHE A 769 -18.59 -15.11 8.00
N ASP A 770 -19.18 -16.02 8.74
CA ASP A 770 -19.92 -15.69 9.93
C ASP A 770 -19.08 -15.68 11.20
N LYS A 771 -17.76 -15.80 11.07
CA LYS A 771 -16.91 -15.80 12.24
C LYS A 771 -16.01 -14.57 12.19
N GLN A 772 -16.31 -13.59 13.04
CA GLN A 772 -15.60 -12.30 13.01
C GLN A 772 -14.12 -12.44 13.33
N GLY A 773 -13.77 -13.45 14.11
CA GLY A 773 -12.40 -13.66 14.49
C GLY A 773 -11.55 -14.17 13.32
N THR A 774 -12.18 -14.48 12.19
CA THR A 774 -11.46 -14.98 11.05
C THR A 774 -11.20 -13.90 10.02
N TYR A 775 -11.60 -12.66 10.31
CA TYR A 775 -11.33 -11.63 9.33
C TYR A 775 -9.82 -11.48 9.20
N GLY A 776 -9.34 -11.47 7.97
CA GLY A 776 -7.94 -11.29 7.69
C GLY A 776 -7.14 -12.60 7.67
N ILE A 777 -7.79 -13.73 7.92
CA ILE A 777 -7.04 -14.97 7.91
C ILE A 777 -7.17 -15.75 6.62
N ASN A 778 -6.05 -15.84 5.95
CA ASN A 778 -5.92 -16.53 4.70
C ASN A 778 -5.19 -17.84 4.98
N THR A 779 -5.90 -18.94 4.87
CA THR A 779 -5.39 -20.25 5.22
C THR A 779 -4.37 -20.78 4.21
N LEU A 780 -4.20 -20.05 3.10
CA LEU A 780 -3.25 -20.41 2.07
C LEU A 780 -1.85 -19.90 2.40
N ASN A 781 -1.69 -19.19 3.51
CA ASN A 781 -0.40 -18.66 3.92
C ASN A 781 0.32 -19.50 4.97
N ASN A 782 -0.07 -20.74 5.12
CA ASN A 782 0.56 -21.63 6.09
C ASN A 782 1.87 -22.12 5.51
N MET A 783 2.98 -21.70 6.12
CA MET A 783 4.32 -22.06 5.67
C MET A 783 4.92 -23.24 6.42
N GLY A 784 4.15 -23.82 7.33
CA GLY A 784 4.61 -24.93 8.16
C GLY A 784 5.23 -24.46 9.48
N THR A 785 5.65 -25.43 10.30
CA THR A 785 6.18 -25.16 11.64
C THR A 785 7.51 -25.87 11.92
N LEU A 786 8.38 -25.23 12.70
CA LEU A 786 9.63 -25.86 13.13
C LEU A 786 9.59 -26.26 14.58
N TYR A 787 10.17 -27.41 14.89
CA TYR A 787 10.32 -27.90 16.25
C TYR A 787 11.76 -28.25 16.57
N MET A 788 12.20 -28.00 17.80
CA MET A 788 13.57 -28.37 18.15
C MET A 788 13.69 -29.09 19.47
N ARG A 789 14.43 -30.19 19.48
CA ARG A 789 14.68 -30.91 20.72
C ARG A 789 16.11 -31.39 20.81
N HIS A 790 16.56 -31.63 22.05
CA HIS A 790 17.91 -32.23 22.25
C HIS A 790 17.75 -33.74 22.10
N VAL A 791 18.68 -34.37 21.41
CA VAL A 791 18.64 -35.80 21.17
C VAL A 791 19.53 -36.55 22.17
N ASN A 792 18.90 -37.32 23.04
CA ASN A 792 19.62 -38.02 24.08
C ASN A 792 18.78 -39.18 24.54
N ASP A 793 19.26 -39.88 25.54
CA ASP A 793 18.48 -40.92 26.16
C ASP A 793 18.79 -40.86 27.65
N PRO A 798 21.87 -30.96 33.43
CA PRO A 798 21.14 -29.70 33.48
C PRO A 798 21.58 -28.78 32.35
N ILE A 799 21.31 -29.23 31.16
CA ILE A 799 21.69 -28.60 29.92
C ILE A 799 20.57 -27.72 29.36
N VAL A 800 20.95 -26.50 29.01
CA VAL A 800 20.07 -25.48 28.45
C VAL A 800 20.55 -25.09 27.07
N SER A 801 19.65 -25.11 26.08
CA SER A 801 20.01 -24.74 24.71
C SER A 801 19.32 -23.46 24.30
N THR A 802 19.99 -22.70 23.45
CA THR A 802 19.45 -21.47 22.88
C THR A 802 19.54 -21.48 21.37
N VAL A 803 18.45 -21.10 20.71
CA VAL A 803 18.34 -21.14 19.27
C VAL A 803 18.00 -19.81 18.62
N ARG A 804 18.79 -19.44 17.64
CA ARG A 804 18.57 -18.26 16.84
C ARG A 804 18.23 -18.69 15.41
N ILE A 805 17.05 -18.32 14.93
CA ILE A 805 16.66 -18.73 13.58
C ILE A 805 16.83 -17.58 12.62
N TYR A 806 17.65 -17.82 11.59
CA TYR A 806 17.92 -16.87 10.53
C TYR A 806 17.18 -17.21 9.25
N PHE A 807 16.38 -16.26 8.84
CA PHE A 807 15.49 -16.39 7.70
C PHE A 807 15.89 -15.53 6.52
N LYS A 808 15.88 -16.10 5.34
CA LYS A 808 16.13 -15.31 4.14
C LYS A 808 15.23 -15.71 2.96
N PRO A 809 14.37 -14.81 2.42
CA PRO A 809 13.57 -15.03 1.24
C PRO A 809 14.49 -15.16 0.05
N LYS A 810 14.19 -16.02 -0.90
CA LYS A 810 14.98 -16.12 -2.11
C LYS A 810 14.13 -16.24 -3.35
N HIS A 811 14.63 -15.71 -4.47
CA HIS A 811 13.95 -15.82 -5.75
C HIS A 811 12.58 -15.23 -5.58
N VAL A 812 12.54 -14.00 -5.10
CA VAL A 812 11.31 -13.35 -4.72
C VAL A 812 10.60 -12.58 -5.83
N LYS A 813 9.33 -12.90 -6.05
CA LYS A 813 8.51 -12.16 -6.99
C LYS A 813 7.40 -11.49 -6.23
N THR A 814 7.12 -10.25 -6.58
CA THR A 814 6.04 -9.53 -5.90
C THR A 814 5.10 -8.83 -6.86
N TRP A 815 3.86 -8.63 -6.41
CA TRP A 815 2.82 -7.96 -7.19
C TRP A 815 2.01 -6.97 -6.38
N VAL A 816 1.53 -5.94 -7.08
CA VAL A 816 0.59 -4.94 -6.60
C VAL A 816 1.12 -4.15 -5.42
N PRO A 817 1.91 -3.11 -5.65
CA PRO A 817 2.56 -2.33 -4.62
C PRO A 817 1.52 -1.60 -3.80
N ARG A 818 1.85 -1.37 -2.54
CA ARG A 818 1.00 -0.73 -1.58
C ARG A 818 1.76 0.41 -0.91
N PRO A 819 1.11 1.39 -0.26
CA PRO A 819 1.76 2.42 0.49
C PRO A 819 2.46 1.75 1.66
N PRO A 820 3.63 2.23 2.11
CA PRO A 820 4.29 1.82 3.31
C PRO A 820 3.44 2.15 4.52
N ARG A 821 3.50 1.33 5.54
CA ARG A 821 2.71 1.60 6.73
C ARG A 821 3.14 2.90 7.41
N LEU A 822 2.19 3.68 7.89
CA LEU A 822 2.50 4.92 8.58
C LEU A 822 2.52 4.71 10.08
N CYS A 823 1.58 3.92 10.53
CA CYS A 823 1.36 3.65 11.94
C CYS A 823 2.31 2.58 12.47
N GLN A 824 2.52 2.52 13.77
CA GLN A 824 3.37 1.45 14.30
C GLN A 824 2.51 0.21 14.37
N TYR A 825 3.15 -0.96 14.32
CA TYR A 825 2.43 -2.22 14.40
C TYR A 825 1.92 -2.49 15.80
N GLN A 826 0.74 -3.10 15.90
CA GLN A 826 0.17 -3.43 17.20
C GLN A 826 0.24 -4.92 17.52
N LYS A 827 -0.16 -5.73 16.56
CA LYS A 827 -0.21 -7.18 16.69
C LYS A 827 0.23 -7.83 15.39
N ALA A 828 0.77 -9.05 15.47
CA ALA A 828 1.15 -9.81 14.27
C ALA A 828 -0.07 -10.36 13.53
N GLY A 829 -1.16 -10.58 14.23
CA GLY A 829 -2.34 -11.18 13.62
C GLY A 829 -3.35 -10.18 13.05
N ASN A 830 -3.00 -8.90 13.03
CA ASN A 830 -3.93 -7.88 12.57
C ASN A 830 -3.28 -6.76 11.77
N VAL A 831 -4.13 -5.84 11.32
CA VAL A 831 -3.72 -4.63 10.62
C VAL A 831 -4.24 -3.45 11.41
N ASN A 832 -4.52 -3.69 12.68
CA ASN A 832 -5.03 -2.67 13.57
C ASN A 832 -3.96 -1.64 13.78
N PHE A 833 -4.38 -0.41 13.94
CA PHE A 833 -3.48 0.69 14.14
C PHE A 833 -4.05 1.79 14.98
N GLU A 834 -3.18 2.59 15.54
CA GLU A 834 -3.57 3.80 16.21
C GLU A 834 -3.48 4.89 15.13
N PRO A 835 -4.52 5.71 14.90
CA PRO A 835 -4.52 6.73 13.90
C PRO A 835 -3.29 7.56 14.11
N SER A 836 -2.63 7.87 13.03
CA SER A 836 -1.35 8.57 13.11
C SER A 836 -1.22 9.68 12.10
N GLY A 837 -0.51 10.71 12.51
CA GLY A 837 -0.28 11.88 11.67
C GLY A 837 0.49 11.54 10.44
N VAL A 838 0.21 12.25 9.36
CA VAL A 838 0.84 11.94 8.08
C VAL A 838 2.32 12.22 8.03
N THR A 839 2.77 13.21 8.79
CA THR A 839 4.17 13.58 8.86
C THR A 839 4.49 14.34 10.14
N GLU A 840 5.70 14.88 10.21
CA GLU A 840 6.16 15.67 11.36
C GLU A 840 5.64 17.10 11.19
N GLY A 841 5.49 17.86 12.27
CA GLY A 841 4.99 19.23 12.10
C GLY A 841 6.04 20.32 11.82
N ARG A 842 5.53 21.44 11.27
CA ARG A 842 6.24 22.68 10.98
C ARG A 842 5.63 23.81 11.78
N THR A 843 6.36 24.92 11.93
CA THR A 843 5.80 26.06 12.63
C THR A 843 5.07 27.03 11.71
N GLU A 844 5.39 26.97 10.41
CA GLU A 844 4.78 27.83 9.40
C GLU A 844 4.87 27.14 8.03
N ILE A 845 3.97 27.52 7.12
CA ILE A 845 3.90 27.00 5.75
C ILE A 845 4.95 27.54 4.76
N THR A 846 5.65 28.62 5.13
CA THR A 846 6.63 29.28 4.27
C THR A 846 8.02 28.66 4.34
N ALA A 847 8.88 29.02 3.38
CA ALA A 847 10.23 28.45 3.28
C ALA A 847 11.16 28.65 4.48
N MET A 848 11.13 29.83 5.11
CA MET A 848 11.95 30.03 6.33
C MET A 848 11.02 30.23 7.53
N ARG B 81 -18.15 15.12 -28.58
CA ARG B 81 -19.42 15.52 -28.00
C ARG B 81 -19.82 14.55 -26.83
N VAL B 82 -20.96 13.82 -26.97
CA VAL B 82 -21.54 12.91 -25.97
C VAL B 82 -21.62 11.50 -26.54
N ARG B 83 -21.13 10.55 -25.77
CA ARG B 83 -21.13 9.15 -26.17
C ARG B 83 -22.16 8.35 -25.38
N SER B 84 -23.06 7.68 -26.11
CA SER B 84 -24.11 6.86 -25.51
C SER B 84 -23.69 5.40 -25.50
N ILE B 85 -23.66 4.80 -24.31
CA ILE B 85 -23.21 3.43 -24.17
C ILE B 85 -24.32 2.51 -23.68
N THR B 86 -24.62 1.47 -24.44
CA THR B 86 -25.68 0.54 -24.02
C THR B 86 -25.14 -0.85 -23.73
N LEU B 87 -25.49 -1.36 -22.55
CA LEU B 87 -25.16 -2.71 -22.14
C LEU B 87 -26.43 -3.39 -21.71
N GLY B 88 -26.76 -4.51 -22.33
CA GLY B 88 -27.99 -5.16 -21.95
C GLY B 88 -29.14 -4.23 -22.23
N ASN B 89 -29.99 -4.01 -21.24
CA ASN B 89 -31.13 -3.14 -21.36
C ASN B 89 -30.95 -1.82 -20.61
N SER B 90 -29.69 -1.42 -20.39
CA SER B 90 -29.39 -0.17 -19.71
C SER B 90 -28.47 0.75 -20.52
N THR B 91 -28.77 2.04 -20.52
CA THR B 91 -27.93 3.01 -21.23
C THR B 91 -27.46 4.18 -20.36
N ILE B 92 -26.19 4.53 -20.50
CA ILE B 92 -25.64 5.70 -19.81
C ILE B 92 -24.92 6.59 -20.80
N THR B 93 -24.67 7.83 -20.42
CA THR B 93 -23.89 8.72 -21.25
C THR B 93 -22.66 9.21 -20.52
N THR B 94 -21.61 9.38 -21.30
CA THR B 94 -20.35 9.94 -20.84
C THR B 94 -19.89 10.99 -21.84
N GLN B 95 -18.93 11.81 -21.45
CA GLN B 95 -18.35 12.77 -22.37
C GLN B 95 -17.50 11.98 -23.33
N GLU B 96 -17.54 12.30 -24.62
CA GLU B 96 -16.77 11.54 -25.58
C GLU B 96 -15.26 11.61 -25.30
N CYS B 97 -14.82 12.74 -24.80
CA CYS B 97 -13.42 13.02 -24.51
C CYS B 97 -12.94 12.56 -23.13
N ALA B 98 -13.78 11.92 -22.32
CA ALA B 98 -13.35 11.53 -20.98
C ALA B 98 -12.20 10.51 -21.02
N ASN B 99 -11.27 10.63 -20.07
CA ASN B 99 -10.15 9.71 -19.94
C ASN B 99 -10.47 8.45 -19.15
N VAL B 100 -9.89 7.33 -19.59
CA VAL B 100 -10.06 6.06 -18.94
C VAL B 100 -8.77 5.49 -18.40
N VAL B 101 -8.80 5.14 -17.14
CA VAL B 101 -7.69 4.52 -16.44
C VAL B 101 -7.83 3.01 -16.45
N VAL B 102 -6.81 2.31 -16.91
CA VAL B 102 -6.89 0.86 -16.89
C VAL B 102 -5.92 0.36 -15.86
N GLY B 103 -6.44 -0.22 -14.79
CA GLY B 103 -5.60 -0.58 -13.68
C GLY B 103 -4.58 -1.59 -14.07
N TYR B 104 -3.35 -1.36 -13.65
CA TYR B 104 -2.19 -2.19 -13.88
C TYR B 104 -1.91 -2.46 -15.36
N GLY B 105 -2.53 -1.69 -16.26
CA GLY B 105 -2.31 -1.83 -17.69
C GLY B 105 -2.99 -3.08 -18.24
N THR B 106 -3.89 -3.67 -17.46
CA THR B 106 -4.54 -4.92 -17.83
C THR B 106 -6.05 -4.84 -18.06
N TRP B 107 -6.50 -5.39 -19.18
CA TRP B 107 -7.92 -5.48 -19.46
C TRP B 107 -8.40 -6.86 -18.98
N PRO B 108 -9.60 -6.99 -18.42
CA PRO B 108 -10.21 -8.26 -18.06
C PRO B 108 -10.40 -9.19 -19.25
N THR B 109 -10.06 -10.46 -19.06
CA THR B 109 -10.26 -11.53 -20.05
C THR B 109 -10.79 -12.75 -19.33
N TYR B 110 -11.30 -13.72 -20.08
CA TYR B 110 -11.79 -15.01 -19.56
C TYR B 110 -10.60 -15.95 -19.36
N LEU B 111 -10.68 -16.94 -18.42
CA LEU B 111 -9.65 -17.96 -18.16
C LEU B 111 -9.56 -18.93 -19.33
N THR B 123 -14.79 -23.07 -17.18
CA THR B 123 -15.64 -22.12 -16.48
C THR B 123 -16.97 -21.97 -17.24
N GLN B 124 -18.00 -21.46 -16.54
CA GLN B 124 -19.35 -21.16 -17.04
C GLN B 124 -19.54 -19.64 -17.12
N PRO B 125 -19.44 -19.03 -18.31
CA PRO B 125 -19.57 -17.62 -18.49
C PRO B 125 -21.02 -17.21 -18.35
N ASP B 126 -21.24 -15.96 -17.97
CA ASP B 126 -22.60 -15.42 -17.95
C ASP B 126 -22.59 -13.95 -18.34
N VAL B 127 -23.25 -13.62 -19.44
CA VAL B 127 -23.24 -12.25 -19.94
C VAL B 127 -24.59 -11.57 -19.74
N ALA B 128 -25.52 -12.26 -19.08
CA ALA B 128 -26.86 -11.74 -18.81
C ALA B 128 -26.82 -10.63 -17.78
N THR B 129 -25.71 -10.56 -17.04
CA THR B 129 -25.50 -9.59 -15.99
C THR B 129 -24.63 -8.46 -16.48
N CYS B 130 -24.22 -8.49 -17.75
CA CYS B 130 -23.34 -7.44 -18.25
C CYS B 130 -24.13 -6.24 -18.71
N ARG B 131 -24.57 -5.50 -17.71
CA ARG B 131 -25.40 -4.31 -17.77
C ARG B 131 -24.83 -3.30 -16.80
N PHE B 132 -25.28 -2.07 -16.87
CA PHE B 132 -24.82 -1.10 -15.89
C PHE B 132 -25.70 -1.14 -14.66
N TYR B 133 -25.08 -1.08 -13.49
CA TYR B 133 -25.79 -0.98 -12.24
C TYR B 133 -25.47 0.35 -11.61
N THR B 134 -26.46 1.20 -11.46
CA THR B 134 -26.17 2.50 -10.89
C THR B 134 -26.57 2.50 -9.43
N LEU B 135 -25.61 2.82 -8.59
CA LEU B 135 -25.74 2.84 -7.16
C LEU B 135 -26.38 4.14 -6.75
N GLU B 136 -27.03 4.15 -5.60
CA GLU B 136 -27.62 5.38 -5.11
C GLU B 136 -26.54 6.44 -4.94
N SER B 137 -26.83 7.65 -5.43
CA SER B 137 -25.90 8.78 -5.38
C SER B 137 -25.66 9.24 -3.96
N VAL B 138 -24.48 9.79 -3.71
CA VAL B 138 -24.18 10.32 -2.39
C VAL B 138 -24.02 11.81 -2.53
N MET B 139 -24.27 12.55 -1.46
CA MET B 139 -24.17 13.99 -1.59
C MET B 139 -22.90 14.51 -0.97
N TRP B 140 -22.14 15.27 -1.74
CA TRP B 140 -20.89 15.86 -1.32
C TRP B 140 -21.14 17.22 -0.74
N GLN B 141 -20.85 17.37 0.53
CA GLN B 141 -21.06 18.60 1.25
C GLN B 141 -19.71 19.23 1.58
N GLN B 142 -19.72 20.43 2.16
CA GLN B 142 -18.48 21.13 2.51
C GLN B 142 -17.63 20.34 3.49
N SER B 143 -18.28 19.60 4.37
CA SER B 143 -17.64 18.83 5.40
C SER B 143 -17.58 17.32 5.18
N SER B 144 -17.90 16.83 3.98
CA SER B 144 -17.88 15.39 3.80
C SER B 144 -16.45 14.81 3.88
N PRO B 145 -16.20 13.78 4.72
CA PRO B 145 -14.93 13.09 4.85
C PRO B 145 -14.60 12.04 3.77
N GLY B 146 -15.58 11.58 3.00
CA GLY B 146 -15.32 10.54 2.01
C GLY B 146 -16.24 9.32 2.14
N TRP B 147 -16.24 8.49 1.11
CA TRP B 147 -17.10 7.30 1.02
C TRP B 147 -16.38 6.05 0.53
N TRP B 148 -16.87 4.85 0.89
CA TRP B 148 -16.31 3.66 0.24
C TRP B 148 -17.31 2.53 0.00
N TRP B 149 -16.98 1.68 -0.97
CA TRP B 149 -17.76 0.49 -1.29
C TRP B 149 -16.86 -0.74 -1.47
N LYS B 150 -17.29 -1.91 -0.98
CA LYS B 150 -16.56 -3.16 -1.24
C LYS B 150 -17.21 -3.74 -2.46
N PHE B 151 -16.48 -4.09 -3.50
CA PHE B 151 -17.22 -4.46 -4.69
C PHE B 151 -18.01 -5.73 -4.85
N PRO B 152 -17.50 -6.94 -4.68
CA PRO B 152 -18.35 -8.09 -4.83
C PRO B 152 -19.59 -7.93 -3.95
N ASP B 153 -19.43 -7.29 -2.79
CA ASP B 153 -20.54 -7.07 -1.89
C ASP B 153 -21.49 -5.95 -2.37
N ALA B 154 -20.96 -4.88 -2.95
CA ALA B 154 -21.79 -3.75 -3.39
C ALA B 154 -22.84 -4.19 -4.39
N LEU B 155 -22.52 -5.17 -5.21
CA LEU B 155 -23.49 -5.64 -6.19
C LEU B 155 -24.25 -6.91 -5.77
N SER B 156 -24.11 -7.35 -4.52
CA SER B 156 -24.67 -8.63 -4.06
C SER B 156 -26.18 -8.73 -4.05
N ASN B 157 -26.87 -7.58 -4.03
CA ASN B 157 -28.32 -7.55 -4.05
C ASN B 157 -28.84 -7.11 -5.43
N MET B 158 -27.94 -6.97 -6.40
CA MET B 158 -28.37 -6.42 -7.67
C MET B 158 -28.93 -7.38 -8.67
N GLY B 159 -30.13 -7.87 -8.40
CA GLY B 159 -30.80 -8.74 -9.35
C GLY B 159 -30.02 -10.00 -9.68
N LEU B 160 -29.78 -10.17 -10.98
CA LEU B 160 -29.07 -11.31 -11.54
C LEU B 160 -27.64 -11.42 -11.08
N PHE B 161 -26.96 -10.30 -10.81
CA PHE B 161 -25.56 -10.44 -10.41
C PHE B 161 -25.57 -11.11 -9.04
N GLY B 162 -26.46 -10.61 -8.18
CA GLY B 162 -26.57 -11.12 -6.83
C GLY B 162 -26.96 -12.60 -6.87
N GLN B 163 -27.84 -12.98 -7.80
CA GLN B 163 -28.24 -14.36 -7.92
C GLN B 163 -27.11 -15.25 -8.39
N ASN B 164 -26.29 -14.78 -9.34
CA ASN B 164 -25.20 -15.64 -9.76
C ASN B 164 -24.20 -15.84 -8.65
N MET B 165 -24.04 -14.87 -7.76
CA MET B 165 -23.16 -15.12 -6.64
C MET B 165 -23.78 -16.23 -5.78
N GLN B 166 -25.10 -16.13 -5.52
CA GLN B 166 -25.84 -17.06 -4.67
C GLN B 166 -25.96 -18.49 -5.19
N TYR B 167 -25.96 -18.66 -6.50
CA TYR B 167 -26.11 -20.00 -7.08
C TYR B 167 -24.81 -20.67 -7.46
N HIS B 168 -23.67 -20.07 -7.10
CA HIS B 168 -22.40 -20.67 -7.48
C HIS B 168 -21.47 -20.82 -6.30
N TYR B 169 -20.48 -21.69 -6.45
CA TYR B 169 -19.51 -21.95 -5.39
C TYR B 169 -18.31 -21.02 -5.56
N LEU B 170 -17.80 -20.95 -6.77
CA LEU B 170 -16.66 -20.11 -7.13
C LEU B 170 -17.02 -19.18 -8.25
N GLY B 171 -16.35 -18.03 -8.30
CA GLY B 171 -16.52 -17.12 -9.42
C GLY B 171 -15.41 -16.07 -9.53
N ARG B 172 -15.44 -15.38 -10.67
CA ARG B 172 -14.46 -14.38 -11.07
C ARG B 172 -15.09 -13.24 -11.89
N ALA B 173 -14.68 -11.99 -11.68
CA ALA B 173 -15.17 -10.90 -12.55
C ALA B 173 -14.26 -9.69 -12.54
N GLY B 174 -14.23 -8.94 -13.65
CA GLY B 174 -13.55 -7.63 -13.70
C GLY B 174 -14.63 -6.56 -13.71
N TYR B 175 -14.30 -5.30 -13.44
CA TYR B 175 -15.35 -4.26 -13.45
C TYR B 175 -14.95 -2.95 -14.09
N THR B 176 -15.90 -2.27 -14.71
CA THR B 176 -15.66 -0.91 -15.14
C THR B 176 -16.47 -0.02 -14.22
N LEU B 177 -15.80 0.94 -13.62
CA LEU B 177 -16.44 1.85 -12.70
C LEU B 177 -16.46 3.27 -13.22
N HIS B 178 -17.66 3.82 -13.33
CA HIS B 178 -17.85 5.17 -13.83
C HIS B 178 -18.29 6.06 -12.68
N VAL B 179 -17.52 7.09 -12.39
CA VAL B 179 -17.86 8.00 -11.30
C VAL B 179 -18.07 9.40 -11.86
N GLN B 180 -19.24 9.98 -11.59
CA GLN B 180 -19.53 11.31 -12.12
C GLN B 180 -20.08 12.28 -11.07
N CYS B 181 -19.72 13.57 -11.22
CA CYS B 181 -20.23 14.62 -10.36
C CYS B 181 -21.12 15.61 -11.10
N ASN B 182 -22.19 16.04 -10.46
CA ASN B 182 -23.04 17.07 -11.04
C ASN B 182 -22.81 18.39 -10.34
N ALA B 183 -22.09 19.29 -11.00
CA ALA B 183 -21.66 20.55 -10.40
C ALA B 183 -21.61 21.65 -11.43
N SER B 184 -21.72 22.90 -10.98
CA SER B 184 -21.69 24.05 -11.86
C SER B 184 -20.29 24.66 -11.92
N LYS B 185 -20.14 25.72 -12.72
CA LYS B 185 -18.85 26.40 -12.87
C LYS B 185 -18.55 27.31 -11.69
N PHE B 186 -19.52 27.38 -10.77
CA PHE B 186 -19.47 28.17 -9.57
C PHE B 186 -19.21 27.28 -8.36
N HIS B 187 -18.83 26.02 -8.62
CA HIS B 187 -18.44 25.06 -7.58
C HIS B 187 -16.97 24.76 -7.72
N GLN B 188 -16.33 24.46 -6.61
CA GLN B 188 -14.92 24.09 -6.58
C GLN B 188 -14.71 22.94 -5.62
N GLY B 189 -13.68 22.16 -5.84
CA GLY B 189 -13.34 21.06 -4.95
C GLY B 189 -12.60 20.00 -5.72
N CYS B 190 -12.05 19.01 -5.00
CA CYS B 190 -11.29 17.97 -5.67
C CYS B 190 -11.34 16.63 -4.94
N LEU B 191 -11.66 15.58 -5.69
CA LEU B 191 -11.76 14.21 -5.18
C LEU B 191 -10.71 13.25 -5.72
N LEU B 192 -10.30 12.33 -4.88
CA LEU B 192 -9.49 11.20 -5.34
C LEU B 192 -10.38 9.99 -5.48
N VAL B 193 -10.46 9.42 -6.66
CA VAL B 193 -11.25 8.22 -6.86
C VAL B 193 -10.26 7.08 -7.06
N VAL B 194 -10.21 6.16 -6.10
CA VAL B 194 -9.21 5.09 -6.13
C VAL B 194 -9.75 3.68 -5.85
N CYS B 195 -9.24 2.69 -6.59
CA CYS B 195 -9.60 1.29 -6.34
C CYS B 195 -8.47 0.58 -5.62
N VAL B 196 -8.73 0.07 -4.43
CA VAL B 196 -7.70 -0.55 -3.62
C VAL B 196 -7.89 -2.07 -3.46
N PRO B 197 -7.04 -2.93 -4.04
CA PRO B 197 -7.08 -4.37 -3.91
C PRO B 197 -6.84 -4.78 -2.48
N GLU B 198 -7.54 -5.80 -2.02
CA GLU B 198 -7.33 -6.36 -0.67
C GLU B 198 -7.27 -5.28 0.39
N ALA B 199 -8.24 -4.38 0.45
CA ALA B 199 -8.18 -3.29 1.41
C ALA B 199 -8.59 -3.73 2.79
N GLU B 200 -7.78 -4.57 3.39
CA GLU B 200 -8.09 -5.08 4.70
C GLU B 200 -8.07 -3.91 5.67
N MET B 201 -9.14 -3.73 6.43
CA MET B 201 -9.23 -2.59 7.35
C MET B 201 -9.02 -2.91 8.81
N GLY B 202 -8.46 -1.93 9.52
CA GLY B 202 -8.22 -2.05 10.95
C GLY B 202 -9.45 -1.71 11.78
N CYS B 203 -9.49 -2.20 13.01
CA CYS B 203 -10.59 -1.97 13.96
C CYS B 203 -10.30 -0.81 14.89
N ALA B 204 -11.34 -0.07 15.25
CA ALA B 204 -11.25 1.05 16.19
C ALA B 204 -10.71 0.58 17.55
N THR B 205 -11.07 -0.64 17.96
CA THR B 205 -10.56 -1.23 19.18
C THR B 205 -9.43 -2.13 18.75
N ILE B 206 -8.24 -1.90 19.28
CA ILE B 206 -7.05 -2.63 18.84
C ILE B 206 -7.14 -4.12 19.11
N ALA B 207 -7.73 -4.48 20.22
CA ALA B 207 -7.86 -5.87 20.60
C ALA B 207 -8.86 -6.67 19.75
N ASN B 208 -9.71 -6.00 18.97
CA ASN B 208 -10.76 -6.70 18.24
C ASN B 208 -10.60 -6.66 16.73
N LYS B 209 -11.55 -7.29 16.02
CA LYS B 209 -11.59 -7.23 14.58
C LYS B 209 -12.91 -6.54 14.23
N PRO B 210 -12.99 -5.83 13.09
CA PRO B 210 -14.17 -5.12 12.68
C PRO B 210 -15.23 -6.11 12.22
N ASP B 211 -16.50 -5.74 12.37
CA ASP B 211 -17.54 -6.65 11.90
C ASP B 211 -17.92 -6.48 10.43
N GLN B 212 -18.85 -7.31 9.96
CA GLN B 212 -19.20 -7.34 8.57
C GLN B 212 -19.88 -6.08 8.07
N LYS B 213 -20.70 -5.45 8.91
CA LYS B 213 -21.43 -4.27 8.48
C LYS B 213 -20.61 -3.01 8.61
N SER B 214 -19.68 -2.97 9.56
CA SER B 214 -18.86 -1.79 9.68
C SER B 214 -17.92 -1.73 8.48
N LEU B 215 -17.49 -2.91 7.99
CA LEU B 215 -16.64 -3.00 6.81
C LEU B 215 -17.42 -2.72 5.52
N SER B 216 -18.66 -3.25 5.41
CA SER B 216 -19.48 -3.02 4.23
C SER B 216 -20.97 -2.99 4.49
N ASN B 217 -21.64 -1.99 3.95
CA ASN B 217 -23.08 -1.87 4.04
C ASN B 217 -23.74 -2.18 2.68
N GLY B 218 -23.08 -3.02 1.90
CA GLY B 218 -23.54 -3.48 0.60
C GLY B 218 -23.59 -2.35 -0.41
N GLU B 219 -24.73 -2.14 -1.05
CA GLU B 219 -24.81 -1.07 -2.04
C GLU B 219 -24.82 0.32 -1.39
N THR B 220 -24.98 0.39 -0.08
CA THR B 220 -24.98 1.67 0.61
C THR B 220 -23.55 2.03 0.97
N ALA B 221 -23.15 3.25 0.65
CA ALA B 221 -21.78 3.68 0.91
C ALA B 221 -21.45 3.75 2.36
N ASN B 222 -20.23 3.34 2.70
CA ASN B 222 -19.74 3.48 4.04
C ASN B 222 -19.07 4.83 4.08
N VAL B 223 -18.99 5.44 5.25
CA VAL B 223 -18.42 6.78 5.34
C VAL B 223 -17.18 6.88 6.22
N PHE B 224 -16.17 7.58 5.70
CA PHE B 224 -14.92 7.82 6.42
C PHE B 224 -15.14 8.87 7.48
N ASP B 225 -14.38 8.85 8.56
CA ASP B 225 -14.58 9.89 9.57
C ASP B 225 -13.46 10.92 9.58
N SER B 226 -13.72 12.11 10.09
CA SER B 226 -12.65 13.11 10.21
C SER B 226 -11.96 12.95 11.56
N GLN B 227 -12.65 12.28 12.47
CA GLN B 227 -12.21 12.00 13.82
C GLN B 227 -11.84 10.55 14.00
N ASN B 228 -11.08 10.24 15.05
CA ASN B 228 -10.82 8.84 15.33
C ASN B 228 -12.14 8.22 15.69
N THR B 229 -12.45 7.04 15.14
CA THR B 229 -13.69 6.40 15.47
C THR B 229 -13.52 5.58 16.71
N SER B 230 -14.64 5.12 17.27
CA SER B 230 -14.66 4.30 18.46
C SER B 230 -15.79 3.30 18.41
N GLY B 231 -15.53 2.13 18.96
CA GLY B 231 -16.50 1.05 19.07
C GLY B 231 -15.75 -0.27 19.10
N GLN B 232 -16.44 -1.33 19.53
CA GLN B 232 -15.82 -2.65 19.64
C GLN B 232 -15.63 -3.36 18.31
N THR B 233 -16.51 -3.10 17.35
CA THR B 233 -16.43 -3.74 16.05
C THR B 233 -16.32 -2.71 14.95
N ALA B 234 -16.22 -1.46 15.33
CA ALA B 234 -16.17 -0.35 14.40
C ALA B 234 -14.86 -0.35 13.64
N VAL B 235 -14.91 0.10 12.41
CA VAL B 235 -13.74 0.28 11.56
C VAL B 235 -13.05 1.58 11.91
N GLN B 236 -11.72 1.57 11.95
CA GLN B 236 -11.05 2.82 12.23
C GLN B 236 -11.00 3.60 10.95
N ALA B 237 -12.08 4.30 10.73
CA ALA B 237 -12.38 5.01 9.52
C ALA B 237 -11.77 6.39 9.43
N ASN B 238 -10.97 6.83 10.40
CA ASN B 238 -10.40 8.16 10.25
C ASN B 238 -9.73 8.27 8.86
N VAL B 239 -10.12 9.31 8.12
CA VAL B 239 -9.69 9.55 6.76
C VAL B 239 -8.21 9.58 6.59
N ILE B 240 -7.46 10.17 7.50
CA ILE B 240 -6.05 10.33 7.23
C ILE B 240 -5.30 9.04 7.08
N ASN B 241 -5.87 7.92 7.57
CA ASN B 241 -5.17 6.67 7.44
C ASN B 241 -5.84 5.68 6.48
N ALA B 242 -6.90 6.16 5.79
CA ALA B 242 -7.73 5.45 4.81
C ALA B 242 -8.30 4.14 5.34
N GLY B 243 -8.32 3.97 6.65
CA GLY B 243 -8.81 2.76 7.29
C GLY B 243 -7.76 1.65 7.28
N MET B 244 -6.57 1.93 6.72
CA MET B 244 -5.54 0.92 6.56
C MET B 244 -4.24 1.15 7.34
N GLY B 245 -4.06 2.32 7.95
CA GLY B 245 -2.84 2.58 8.70
C GLY B 245 -1.71 3.11 7.84
N ILE B 246 -2.06 3.72 6.71
CA ILE B 246 -1.13 4.27 5.74
C ILE B 246 -1.41 5.74 5.59
N GLY B 247 -0.54 6.54 4.98
CA GLY B 247 -0.96 7.92 4.81
C GLY B 247 -1.89 8.00 3.61
N VAL B 248 -2.98 8.74 3.74
CA VAL B 248 -3.96 8.85 2.65
C VAL B 248 -3.39 9.46 1.35
N GLY B 249 -2.37 10.30 1.45
CA GLY B 249 -1.77 10.91 0.28
C GLY B 249 -1.00 9.93 -0.59
N ASN B 250 -0.76 8.71 -0.09
CA ASN B 250 -0.03 7.70 -0.85
C ASN B 250 -0.93 6.68 -1.53
N LEU B 251 -2.25 6.91 -1.56
CA LEU B 251 -3.18 5.96 -2.19
C LEU B 251 -3.08 5.99 -3.69
N THR B 252 -2.31 6.92 -4.21
CA THR B 252 -2.09 7.11 -5.63
C THR B 252 -1.27 5.97 -6.23
N ILE B 253 -0.73 5.12 -5.37
CA ILE B 253 -0.05 3.90 -5.81
C ILE B 253 -1.03 2.91 -6.46
N PHE B 254 -2.31 3.00 -6.09
CA PHE B 254 -3.37 2.12 -6.58
C PHE B 254 -4.04 2.79 -7.80
N PRO B 255 -4.74 2.07 -8.71
CA PRO B 255 -5.41 2.66 -9.85
C PRO B 255 -6.35 3.77 -9.41
N HIS B 256 -6.19 4.93 -10.01
CA HIS B 256 -6.99 6.06 -9.58
C HIS B 256 -7.09 7.14 -10.60
N GLN B 257 -8.01 8.05 -10.36
CA GLN B 257 -8.14 9.23 -11.17
C GLN B 257 -8.55 10.39 -10.28
N TRP B 258 -8.02 11.57 -10.55
CA TRP B 258 -8.43 12.76 -9.80
C TRP B 258 -9.58 13.47 -10.48
N ILE B 259 -10.52 13.96 -9.69
CA ILE B 259 -11.58 14.80 -10.21
C ILE B 259 -11.45 16.20 -9.64
N ASN B 260 -11.04 17.14 -10.49
CA ASN B 260 -10.86 18.52 -10.08
C ASN B 260 -11.99 19.24 -10.75
N LEU B 261 -12.93 19.75 -9.99
CA LEU B 261 -14.13 20.29 -10.62
C LEU B 261 -13.87 21.42 -11.60
N ARG B 262 -12.72 22.11 -11.55
CA ARG B 262 -12.53 23.17 -12.53
C ARG B 262 -12.16 22.59 -13.90
N THR B 263 -11.73 21.31 -13.97
CA THR B 263 -11.32 20.69 -15.24
C THR B 263 -12.12 19.47 -15.67
N ASN B 264 -12.65 18.71 -14.73
CA ASN B 264 -13.37 17.49 -15.05
C ASN B 264 -14.34 17.15 -13.94
N ASN B 265 -15.42 16.47 -14.30
CA ASN B 265 -16.37 16.02 -13.30
C ASN B 265 -16.52 14.53 -13.33
N SER B 266 -15.56 13.83 -13.88
CA SER B 266 -15.69 12.39 -13.98
C SER B 266 -14.41 11.62 -13.99
N ALA B 267 -14.55 10.33 -13.69
CA ALA B 267 -13.48 9.36 -13.72
C ALA B 267 -13.97 8.02 -14.21
N THR B 268 -13.11 7.29 -14.93
CA THR B 268 -13.48 5.94 -15.35
C THR B 268 -12.34 5.00 -15.04
N ILE B 269 -12.60 3.96 -14.28
CA ILE B 269 -11.55 3.02 -13.96
C ILE B 269 -11.91 1.61 -14.38
N VAL B 270 -11.00 0.98 -15.10
CA VAL B 270 -11.19 -0.42 -15.48
C VAL B 270 -10.36 -1.21 -14.50
N MET B 271 -11.01 -2.06 -13.74
CA MET B 271 -10.36 -2.82 -12.69
C MET B 271 -10.30 -4.32 -13.06
N PRO B 272 -9.12 -4.89 -13.32
CA PRO B 272 -8.91 -6.28 -13.72
C PRO B 272 -9.12 -7.18 -12.54
N TYR B 273 -9.34 -8.46 -12.78
CA TYR B 273 -9.37 -9.37 -11.64
C TYR B 273 -7.98 -9.53 -11.07
N VAL B 274 -7.86 -9.32 -9.77
CA VAL B 274 -6.61 -9.47 -9.07
C VAL B 274 -6.77 -10.37 -7.86
N ASN B 275 -6.02 -11.46 -7.81
CA ASN B 275 -6.07 -12.35 -6.66
C ASN B 275 -4.83 -13.23 -6.64
N SER B 276 -4.73 -14.06 -5.62
CA SER B 276 -3.69 -15.08 -5.46
C SER B 276 -4.12 -16.41 -6.10
N VAL B 277 -5.42 -16.53 -6.41
CA VAL B 277 -5.97 -17.73 -7.03
C VAL B 277 -6.87 -17.37 -8.22
N PRO B 278 -6.99 -18.22 -9.27
CA PRO B 278 -7.85 -18.02 -10.43
C PRO B 278 -9.32 -17.72 -10.17
N MET B 279 -9.92 -18.33 -9.14
CA MET B 279 -11.34 -18.12 -8.82
C MET B 279 -11.53 -18.19 -7.33
N ASP B 280 -12.58 -17.55 -6.79
CA ASP B 280 -12.75 -17.60 -5.35
C ASP B 280 -14.22 -17.57 -4.90
N ASN B 281 -14.43 -17.76 -3.58
CA ASN B 281 -15.80 -17.61 -3.02
C ASN B 281 -16.05 -16.10 -2.97
N MET B 282 -17.08 -15.64 -3.66
CA MET B 282 -17.44 -14.23 -3.78
C MET B 282 -18.18 -13.66 -2.59
N PHE B 283 -18.52 -14.48 -1.60
CA PHE B 283 -19.19 -13.94 -0.42
C PHE B 283 -18.29 -13.69 0.76
N ARG B 284 -17.10 -14.30 0.80
CA ARG B 284 -16.26 -14.14 1.97
C ARG B 284 -15.00 -13.39 1.64
N HIS B 285 -14.94 -12.84 0.44
CA HIS B 285 -13.76 -12.10 0.01
C HIS B 285 -14.06 -10.94 -0.93
N ASN B 286 -13.59 -9.76 -0.55
CA ASN B 286 -13.75 -8.56 -1.35
C ASN B 286 -12.50 -8.29 -2.17
N ASN B 287 -12.59 -8.45 -3.47
CA ASN B 287 -11.39 -8.30 -4.27
C ASN B 287 -10.81 -6.88 -4.19
N PHE B 288 -11.67 -5.87 -4.14
CA PHE B 288 -11.18 -4.50 -4.03
C PHE B 288 -12.24 -3.61 -3.42
N THR B 289 -11.78 -2.45 -2.95
CA THR B 289 -12.58 -1.39 -2.40
C THR B 289 -12.50 -0.11 -3.20
N LEU B 290 -13.63 0.51 -3.48
CA LEU B 290 -13.64 1.79 -4.15
C LEU B 290 -13.74 2.88 -3.12
N MET B 291 -12.79 3.80 -3.12
CA MET B 291 -12.82 4.88 -2.17
C MET B 291 -12.89 6.22 -2.89
N ILE B 292 -13.75 7.11 -2.40
CA ILE B 292 -13.83 8.46 -2.92
C ILE B 292 -13.54 9.43 -1.79
N ILE B 293 -12.38 10.08 -1.86
CA ILE B 293 -11.92 10.95 -0.79
C ILE B 293 -11.66 12.39 -1.24
N PRO B 294 -12.37 13.40 -0.73
CA PRO B 294 -12.08 14.78 -1.03
C PRO B 294 -10.73 15.20 -0.48
N PHE B 295 -9.92 15.87 -1.30
CA PHE B 295 -8.64 16.46 -0.89
C PHE B 295 -8.72 17.96 -0.88
N ALA B 296 -9.75 18.49 -1.50
CA ALA B 296 -10.03 19.91 -1.50
C ALA B 296 -11.54 19.99 -1.25
N PRO B 297 -12.01 20.61 -0.15
CA PRO B 297 -13.39 20.66 0.27
C PRO B 297 -14.31 21.25 -0.76
N LEU B 298 -15.55 20.81 -0.77
CA LEU B 298 -16.50 21.40 -1.67
C LEU B 298 -16.77 22.80 -1.22
N SER B 299 -16.78 23.71 -2.15
CA SER B 299 -17.11 25.07 -1.89
C SER B 299 -17.81 25.66 -3.07
N TYR B 300 -18.59 26.67 -2.82
CA TYR B 300 -19.42 27.28 -3.83
C TYR B 300 -19.75 28.73 -3.58
N SER B 301 -20.22 29.39 -4.65
CA SER B 301 -20.66 30.76 -4.57
C SER B 301 -21.89 30.83 -3.69
N THR B 302 -22.21 32.00 -3.18
CA THR B 302 -23.28 32.08 -2.19
C THR B 302 -24.71 31.73 -2.64
N GLY B 303 -25.04 31.84 -3.91
CA GLY B 303 -26.39 31.46 -4.33
C GLY B 303 -26.48 30.05 -4.91
N ALA B 304 -25.37 29.32 -4.89
CA ALA B 304 -25.29 28.01 -5.51
C ALA B 304 -25.82 26.89 -4.64
N THR B 305 -26.15 25.78 -5.28
CA THR B 305 -26.58 24.58 -4.59
C THR B 305 -25.48 24.17 -3.60
N THR B 306 -25.87 23.83 -2.38
CA THR B 306 -24.95 23.54 -1.30
C THR B 306 -24.35 22.14 -1.27
N TYR B 307 -24.70 21.32 -2.23
CA TYR B 307 -24.16 19.99 -2.32
C TYR B 307 -23.97 19.59 -3.77
N VAL B 308 -23.09 18.64 -3.98
CA VAL B 308 -22.83 18.02 -5.27
C VAL B 308 -23.09 16.52 -5.26
N PRO B 309 -24.03 16.01 -6.03
CA PRO B 309 -24.27 14.60 -6.16
C PRO B 309 -23.09 13.90 -6.79
N ILE B 310 -22.75 12.73 -6.26
CA ILE B 310 -21.74 11.87 -6.85
C ILE B 310 -22.39 10.54 -7.18
N THR B 311 -22.35 10.15 -8.43
CA THR B 311 -22.98 8.93 -8.88
C THR B 311 -21.99 7.88 -9.31
N VAL B 312 -22.19 6.66 -8.82
CA VAL B 312 -21.31 5.56 -9.18
C VAL B 312 -22.06 4.47 -9.98
N THR B 313 -21.57 4.22 -11.20
CA THR B 313 -22.15 3.21 -12.08
C THR B 313 -21.15 2.09 -12.35
N VAL B 314 -21.62 0.86 -12.14
CA VAL B 314 -20.76 -0.30 -12.25
C VAL B 314 -21.16 -1.26 -13.35
N ALA B 315 -20.19 -1.67 -14.16
CA ALA B 315 -20.43 -2.61 -15.24
C ALA B 315 -19.48 -3.81 -15.22
N PRO B 316 -19.89 -4.99 -14.72
CA PRO B 316 -19.09 -6.20 -14.66
C PRO B 316 -18.69 -6.65 -16.08
N MET B 317 -17.53 -7.28 -16.19
CA MET B 317 -17.03 -7.84 -17.44
C MET B 317 -16.47 -9.24 -17.26
N CYS B 318 -16.63 -10.07 -18.29
CA CYS B 318 -16.03 -11.40 -18.33
C CYS B 318 -16.35 -12.21 -17.08
N ALA B 319 -17.60 -12.17 -16.63
CA ALA B 319 -17.94 -12.93 -15.44
C ALA B 319 -17.86 -14.41 -15.74
N GLU B 320 -17.30 -15.15 -14.78
CA GLU B 320 -17.13 -16.61 -14.81
C GLU B 320 -17.52 -17.27 -13.52
N TYR B 321 -18.16 -18.42 -13.63
CA TYR B 321 -18.60 -19.20 -12.49
C TYR B 321 -18.27 -20.69 -12.66
N ASN B 322 -18.26 -21.43 -11.56
CA ASN B 322 -18.08 -22.88 -11.70
C ASN B 322 -19.29 -23.49 -12.41
N GLY B 323 -19.09 -24.61 -13.11
CA GLY B 323 -20.22 -25.29 -13.74
C GLY B 323 -21.08 -25.99 -12.69
N GLY C 331 40.65 -40.56 -1.10
CA GLY C 331 39.96 -39.56 -1.85
C GLY C 331 40.88 -38.47 -2.43
N LEU C 332 40.27 -37.44 -3.08
CA LEU C 332 40.92 -36.26 -3.67
C LEU C 332 41.54 -35.38 -2.58
N PRO C 333 42.85 -35.08 -2.59
CA PRO C 333 43.49 -34.22 -1.61
C PRO C 333 42.93 -32.79 -1.62
N THR C 334 42.56 -32.30 -0.43
CA THR C 334 42.03 -30.96 -0.22
C THR C 334 42.62 -30.26 1.02
N MET C 335 42.48 -28.95 1.08
CA MET C 335 42.83 -28.17 2.27
C MET C 335 41.70 -27.26 2.66
N LEU C 336 41.39 -27.14 3.94
CA LEU C 336 40.39 -26.16 4.32
C LEU C 336 41.06 -24.82 4.53
N THR C 337 40.48 -23.77 3.97
CA THR C 337 41.03 -22.43 4.07
C THR C 337 40.31 -21.60 5.15
N PRO C 338 40.86 -20.46 5.60
CA PRO C 338 40.20 -19.55 6.50
C PRO C 338 38.88 -19.22 5.89
N GLY C 339 37.89 -19.11 6.75
CA GLY C 339 36.53 -18.89 6.34
C GLY C 339 35.71 -20.20 6.33
N SER C 340 36.38 -21.34 6.45
CA SER C 340 35.68 -22.63 6.48
C SER C 340 34.87 -22.77 7.77
N ASN C 341 33.66 -23.35 7.66
CA ASN C 341 32.70 -23.56 8.75
C ASN C 341 32.27 -22.28 9.45
N GLN C 342 32.09 -21.20 8.73
CA GLN C 342 31.61 -19.99 9.37
C GLN C 342 30.29 -19.70 8.75
N PHE C 343 29.42 -19.04 9.49
CA PHE C 343 28.18 -18.58 8.92
C PHE C 343 28.15 -17.11 8.71
N LEU C 344 28.17 -16.72 7.45
CA LEU C 344 28.13 -15.34 7.07
C LEU C 344 26.70 -15.04 6.67
N THR C 345 26.09 -14.07 7.30
CA THR C 345 24.69 -13.82 7.07
C THR C 345 24.43 -13.29 5.67
N SER C 346 25.48 -12.81 5.03
CA SER C 346 25.48 -12.27 3.68
C SER C 346 25.87 -13.29 2.61
N ASP C 347 26.10 -14.55 2.95
CA ASP C 347 26.60 -15.43 1.91
C ASP C 347 25.57 -15.95 0.91
N ASP C 348 26.07 -16.71 -0.06
CA ASP C 348 25.23 -17.23 -1.11
C ASP C 348 25.71 -18.60 -1.55
N PHE C 349 25.23 -19.62 -0.87
CA PHE C 349 25.64 -20.98 -1.13
C PHE C 349 24.40 -21.80 -1.38
N GLN C 350 24.56 -22.92 -2.07
CA GLN C 350 23.45 -23.80 -2.27
C GLN C 350 23.14 -24.50 -0.97
N SER C 351 21.92 -24.95 -0.81
CA SER C 351 21.53 -25.69 0.38
C SER C 351 20.55 -26.75 -0.05
N PRO C 352 20.45 -27.88 0.65
CA PRO C 352 19.53 -28.94 0.35
C PRO C 352 18.10 -28.56 0.68
N SER C 353 17.18 -29.08 -0.09
CA SER C 353 15.76 -28.88 0.15
C SER C 353 15.25 -29.85 1.16
N ALA C 354 14.40 -29.38 2.05
CA ALA C 354 13.77 -30.21 3.05
C ALA C 354 12.66 -31.04 2.44
N MET C 355 12.17 -30.62 1.27
CA MET C 355 11.07 -31.28 0.59
C MET C 355 11.29 -31.37 -0.91
N PRO C 356 12.31 -32.11 -1.39
CA PRO C 356 12.72 -32.21 -2.77
C PRO C 356 11.70 -32.89 -3.66
N GLN C 357 10.80 -33.65 -3.04
CA GLN C 357 9.79 -34.41 -3.74
C GLN C 357 8.49 -33.68 -3.87
N PHE C 358 8.40 -32.47 -3.31
CA PHE C 358 7.17 -31.72 -3.36
C PHE C 358 6.91 -31.08 -4.69
N ASP C 359 5.71 -31.29 -5.18
CA ASP C 359 5.32 -30.70 -6.46
C ASP C 359 4.77 -29.26 -6.26
N VAL C 360 5.58 -28.27 -6.62
CA VAL C 360 5.31 -26.84 -6.40
C VAL C 360 4.30 -26.24 -7.36
N THR C 361 3.35 -25.49 -6.79
CA THR C 361 2.27 -24.83 -7.51
C THR C 361 2.83 -23.85 -8.54
N PRO C 362 2.48 -23.96 -9.84
CA PRO C 362 2.91 -23.10 -10.93
C PRO C 362 2.51 -21.66 -10.73
N GLU C 363 3.30 -20.76 -11.26
CA GLU C 363 3.03 -19.35 -11.22
C GLU C 363 1.94 -18.97 -12.23
N MET C 364 1.02 -18.08 -11.84
CA MET C 364 0.00 -17.61 -12.77
C MET C 364 0.24 -16.14 -12.93
N ALA C 365 -0.16 -15.56 -14.03
CA ALA C 365 0.00 -14.13 -14.12
C ALA C 365 -0.90 -13.41 -13.12
N ILE C 366 -0.33 -12.41 -12.46
CA ILE C 366 -1.02 -11.54 -11.54
C ILE C 366 -0.69 -10.13 -12.05
N PRO C 367 -1.66 -9.23 -12.23
CA PRO C 367 -1.44 -7.86 -12.63
C PRO C 367 -0.62 -7.11 -11.61
N GLY C 368 0.15 -6.12 -12.04
CA GLY C 368 0.89 -5.31 -11.08
C GLY C 368 2.26 -5.81 -10.65
N GLN C 369 2.91 -6.64 -11.42
CA GLN C 369 4.22 -7.13 -11.00
C GLN C 369 5.22 -6.01 -10.85
N VAL C 370 5.97 -6.04 -9.76
CA VAL C 370 6.98 -5.03 -9.47
C VAL C 370 8.36 -5.63 -9.58
N ASN C 371 9.21 -5.05 -10.40
CA ASN C 371 10.54 -5.59 -10.55
C ASN C 371 11.56 -4.74 -9.82
N ASN C 372 11.25 -3.46 -9.64
CA ASN C 372 12.17 -2.51 -9.03
C ASN C 372 11.41 -1.48 -8.21
N LEU C 373 12.01 -1.00 -7.11
CA LEU C 373 11.37 -0.02 -6.26
C LEU C 373 11.29 1.35 -6.88
N MET C 374 12.06 1.60 -7.92
CA MET C 374 11.98 2.89 -8.58
C MET C 374 10.63 3.01 -9.27
N GLU C 375 9.96 1.88 -9.52
CA GLU C 375 8.65 1.89 -10.15
C GLU C 375 7.62 2.51 -9.19
N ILE C 376 7.93 2.53 -7.89
CA ILE C 376 7.09 3.08 -6.86
C ILE C 376 7.51 4.52 -6.62
N ALA C 377 8.82 4.76 -6.55
CA ALA C 377 9.37 6.10 -6.30
C ALA C 377 8.95 7.10 -7.40
N GLU C 378 8.74 6.60 -8.61
CA GLU C 378 8.31 7.38 -9.76
C GLU C 378 6.80 7.66 -9.83
N VAL C 379 6.02 7.18 -8.86
CA VAL C 379 4.59 7.45 -8.82
C VAL C 379 4.32 8.70 -7.98
N ASP C 380 3.57 9.65 -8.54
CA ASP C 380 3.23 10.89 -7.85
C ASP C 380 2.38 10.64 -6.64
N SER C 381 2.74 11.27 -5.53
CA SER C 381 1.96 11.17 -4.30
C SER C 381 1.76 12.57 -3.76
N VAL C 382 0.78 12.73 -2.86
CA VAL C 382 0.43 14.06 -2.40
C VAL C 382 1.35 14.45 -1.24
N VAL C 383 1.93 15.63 -1.36
CA VAL C 383 2.88 16.17 -0.39
C VAL C 383 2.20 16.97 0.74
N PRO C 384 2.39 16.64 2.01
CA PRO C 384 1.81 17.31 3.15
C PRO C 384 2.53 18.61 3.45
N VAL C 385 2.38 19.58 2.55
CA VAL C 385 3.03 20.89 2.61
C VAL C 385 2.56 21.72 3.80
N ASN C 386 1.27 21.66 4.11
CA ASN C 386 0.71 22.45 5.19
C ASN C 386 0.69 21.62 6.45
N ASN C 387 1.81 21.02 6.77
CA ASN C 387 1.92 20.19 7.92
C ASN C 387 2.29 20.95 9.16
N THR C 388 1.43 21.85 9.56
CA THR C 388 1.67 22.61 10.75
C THR C 388 1.19 21.77 11.92
N GLU C 389 1.52 22.17 13.14
CA GLU C 389 1.17 21.37 14.30
C GLU C 389 -0.30 20.96 14.39
N GLY C 390 -1.22 21.85 14.04
CA GLY C 390 -2.64 21.53 14.12
C GLY C 390 -3.22 20.92 12.84
N LYS C 391 -2.39 20.70 11.84
CA LYS C 391 -2.85 20.18 10.55
C LYS C 391 -2.40 18.76 10.28
N VAL C 392 -1.33 18.32 10.90
CA VAL C 392 -0.78 16.97 10.68
C VAL C 392 -1.79 15.81 10.86
N MET C 393 -2.70 15.92 11.82
CA MET C 393 -3.70 14.87 12.06
C MET C 393 -4.93 14.97 11.16
N SER C 394 -4.94 15.90 10.23
CA SER C 394 -6.05 16.09 9.33
C SER C 394 -5.64 15.98 7.88
N ILE C 395 -6.62 15.81 7.00
CA ILE C 395 -6.34 15.78 5.57
C ILE C 395 -5.89 17.16 5.10
N GLU C 396 -6.12 18.16 5.95
CA GLU C 396 -5.76 19.54 5.72
C GLU C 396 -4.25 19.72 5.60
N ALA C 397 -3.46 18.75 6.06
CA ALA C 397 -2.01 18.83 5.93
C ALA C 397 -1.62 18.93 4.45
N TYR C 398 -2.46 18.43 3.57
CA TYR C 398 -2.13 18.42 2.18
C TYR C 398 -2.70 19.60 1.42
N GLN C 399 -3.40 20.49 2.12
CA GLN C 399 -4.10 21.62 1.50
C GLN C 399 -3.45 22.96 1.76
N ILE C 400 -2.86 23.55 0.72
CA ILE C 400 -2.20 24.84 0.86
C ILE C 400 -3.27 25.92 0.67
N PRO C 401 -3.55 26.79 1.65
CA PRO C 401 -4.55 27.84 1.54
C PRO C 401 -4.17 28.94 0.57
N VAL C 402 -5.14 29.46 -0.18
CA VAL C 402 -4.98 30.62 -1.03
C VAL C 402 -6.05 31.66 -0.74
N GLN C 403 -5.65 32.88 -0.37
CA GLN C 403 -6.68 33.89 -0.08
C GLN C 403 -6.72 35.02 -1.09
N SER C 404 -7.95 35.34 -1.52
CA SER C 404 -8.29 36.34 -2.53
C SER C 404 -8.04 37.79 -2.12
N ASN C 405 -7.84 37.99 -0.83
CA ASN C 405 -7.58 39.29 -0.27
C ASN C 405 -6.20 39.42 0.36
N SER C 406 -5.26 38.60 -0.11
CA SER C 406 -3.89 38.62 0.38
C SER C 406 -3.16 39.89 -0.03
N THR C 407 -2.11 40.23 0.68
CA THR C 407 -1.29 41.35 0.26
C THR C 407 -0.54 40.91 -0.98
N ASN C 408 -0.56 41.72 -2.03
CA ASN C 408 0.13 41.33 -3.25
C ASN C 408 1.61 41.31 -2.97
N GLY C 409 2.28 40.28 -3.48
CA GLY C 409 3.71 40.13 -3.32
C GLY C 409 4.08 39.29 -2.10
N SER C 410 3.09 38.91 -1.29
CA SER C 410 3.35 38.10 -0.11
C SER C 410 3.56 36.65 -0.50
N GLN C 411 4.13 35.86 0.39
CA GLN C 411 4.39 34.45 0.09
C GLN C 411 3.12 33.63 0.32
N VAL C 412 2.84 32.70 -0.57
CA VAL C 412 1.67 31.83 -0.46
C VAL C 412 2.11 30.65 0.40
N PHE C 413 3.22 30.06 -0.02
CA PHE C 413 3.82 28.89 0.64
C PHE C 413 5.26 28.75 0.23
N GLY C 414 5.96 27.87 0.92
CA GLY C 414 7.29 27.49 0.48
C GLY C 414 7.87 26.44 1.38
N PHE C 415 8.92 25.79 0.93
CA PHE C 415 9.54 24.78 1.74
C PHE C 415 10.98 24.49 1.34
N PRO C 416 11.84 24.07 2.27
CA PRO C 416 13.17 23.57 2.05
C PRO C 416 13.13 22.27 1.29
N LEU C 417 14.05 22.14 0.34
CA LEU C 417 14.19 20.86 -0.39
C LEU C 417 15.30 20.10 0.32
N ILE C 418 15.44 20.31 1.62
CA ILE C 418 16.49 19.61 2.43
C ILE C 418 16.26 18.11 2.31
N PRO C 419 17.29 17.31 1.92
CA PRO C 419 17.10 15.88 1.73
C PRO C 419 17.08 15.23 3.12
N GLY C 420 17.95 15.70 4.01
CA GLY C 420 17.96 15.17 5.39
C GLY C 420 16.64 15.48 6.06
N ALA C 421 15.88 14.44 6.42
CA ALA C 421 14.55 14.61 7.05
C ALA C 421 13.73 15.71 6.36
N SER C 422 13.57 15.63 5.03
CA SER C 422 12.69 16.61 4.34
C SER C 422 11.32 16.55 4.99
N SER C 423 10.92 17.59 5.70
CA SER C 423 9.65 17.51 6.46
C SER C 423 8.41 17.40 5.55
N VAL C 424 8.46 17.87 4.29
CA VAL C 424 7.19 17.82 3.55
C VAL C 424 7.31 16.66 2.56
N LEU C 425 8.51 16.11 2.40
CA LEU C 425 8.71 15.08 1.33
C LEU C 425 9.17 13.72 1.86
N ASN C 426 9.41 13.54 3.15
CA ASN C 426 9.94 12.25 3.55
C ASN C 426 8.95 11.13 3.84
N ARG C 427 7.62 11.36 3.82
CA ARG C 427 6.58 10.31 4.05
C ARG C 427 5.80 10.07 2.75
N THR C 428 6.30 10.53 1.62
CA THR C 428 5.72 10.40 0.30
C THR C 428 6.17 9.06 -0.26
N LEU C 429 5.64 8.62 -1.40
CA LEU C 429 6.10 7.31 -1.88
C LEU C 429 7.60 7.37 -2.16
N LEU C 430 8.03 8.51 -2.70
CA LEU C 430 9.43 8.78 -2.97
C LEU C 430 10.25 8.80 -1.70
N GLY C 431 9.78 9.55 -0.71
CA GLY C 431 10.51 9.70 0.52
C GLY C 431 10.70 8.39 1.25
N GLU C 432 9.65 7.57 1.29
CA GLU C 432 9.72 6.27 2.01
C GLU C 432 10.80 5.38 1.39
N ILE C 433 10.91 5.33 0.06
CA ILE C 433 11.91 4.50 -0.59
C ILE C 433 13.31 5.01 -0.37
N LEU C 434 13.50 6.31 -0.48
CA LEU C 434 14.82 6.88 -0.30
C LEU C 434 15.28 6.73 1.14
N ASN C 435 14.36 6.61 2.07
CA ASN C 435 14.74 6.42 3.46
C ASN C 435 15.26 5.03 3.79
N TYR C 436 15.27 4.12 2.81
CA TYR C 436 15.86 2.80 2.99
C TYR C 436 17.29 2.77 2.48
N TYR C 437 17.83 3.88 1.97
CA TYR C 437 19.19 3.86 1.48
C TYR C 437 20.05 4.93 2.14
N THR C 438 21.36 4.68 2.28
CA THR C 438 22.26 5.66 2.92
C THR C 438 22.67 6.79 1.99
N HIS C 439 22.49 6.57 0.71
CA HIS C 439 22.90 7.51 -0.31
C HIS C 439 22.04 7.35 -1.53
N TRP C 440 21.69 8.47 -2.10
CA TRP C 440 20.88 8.57 -3.31
C TRP C 440 21.07 9.85 -4.10
N SER C 441 20.70 9.79 -5.38
CA SER C 441 20.77 10.95 -6.26
C SER C 441 19.86 10.90 -7.48
N GLY C 442 19.26 12.03 -7.83
CA GLY C 442 18.48 12.09 -9.06
C GLY C 442 17.68 13.36 -9.15
N SER C 443 16.71 13.39 -10.07
CA SER C 443 15.87 14.59 -10.24
C SER C 443 14.47 14.31 -9.76
N ILE C 444 13.83 15.36 -9.29
CA ILE C 444 12.48 15.41 -8.74
C ILE C 444 11.47 16.25 -9.49
N LYS C 445 10.29 15.67 -9.70
CA LYS C 445 9.22 16.36 -10.35
C LYS C 445 8.20 16.86 -9.31
N LEU C 446 7.91 18.15 -9.31
CA LEU C 446 6.93 18.76 -8.40
C LEU C 446 5.77 19.35 -9.16
N THR C 447 4.57 18.91 -8.82
CA THR C 447 3.38 19.40 -9.50
C THR C 447 2.48 20.14 -8.56
N PHE C 448 2.06 21.31 -8.98
CA PHE C 448 1.17 22.12 -8.19
C PHE C 448 -0.16 22.23 -8.89
N MET C 449 -1.24 21.86 -8.20
CA MET C 449 -2.58 21.88 -8.78
C MET C 449 -3.52 22.84 -8.05
N PHE C 450 -4.14 23.74 -8.79
CA PHE C 450 -5.05 24.73 -8.22
C PHE C 450 -6.46 24.16 -8.23
N CYS C 451 -7.14 24.25 -7.10
CA CYS C 451 -8.47 23.71 -6.95
C CYS C 451 -9.54 24.76 -6.63
N GLY C 452 -9.48 25.92 -7.27
CA GLY C 452 -10.48 26.97 -7.07
C GLY C 452 -11.58 26.79 -8.10
N SER C 453 -12.51 27.72 -8.21
CA SER C 453 -13.62 27.55 -9.16
C SER C 453 -13.18 27.76 -10.59
N ALA C 454 -13.95 27.25 -11.53
CA ALA C 454 -13.59 27.37 -12.94
C ALA C 454 -13.40 28.79 -13.42
N MET C 455 -14.15 29.73 -12.88
CA MET C 455 -14.03 31.11 -13.33
C MET C 455 -13.01 31.95 -12.57
N ALA C 456 -12.29 31.33 -11.63
CA ALA C 456 -11.26 32.00 -10.84
C ALA C 456 -10.02 32.23 -11.69
N THR C 457 -9.43 33.41 -11.57
CA THR C 457 -8.20 33.73 -12.32
C THR C 457 -7.21 34.54 -11.50
N GLY C 458 -5.93 34.46 -11.83
CA GLY C 458 -4.91 35.22 -11.12
C GLY C 458 -3.55 34.59 -11.33
N LYS C 459 -2.50 35.29 -10.96
CA LYS C 459 -1.17 34.75 -11.19
C LYS C 459 -0.36 34.45 -9.95
N PHE C 460 0.38 33.34 -10.04
CA PHE C 460 1.32 32.96 -9.00
C PHE C 460 2.74 32.89 -9.53
N LEU C 461 3.69 33.25 -8.69
CA LEU C 461 5.10 33.12 -9.04
C LEU C 461 5.75 31.95 -8.36
N LEU C 462 6.17 30.94 -9.11
CA LEU C 462 6.83 29.77 -8.55
C LEU C 462 8.31 29.91 -8.77
N ALA C 463 9.04 30.00 -7.67
CA ALA C 463 10.47 30.24 -7.79
C ALA C 463 11.30 29.13 -7.19
N TYR C 464 12.44 28.91 -7.81
CA TYR C 464 13.41 27.93 -7.36
C TYR C 464 14.73 28.56 -6.99
N SER C 465 15.17 28.22 -5.80
CA SER C 465 16.42 28.67 -5.24
C SER C 465 17.42 27.51 -5.16
N PRO C 466 18.50 27.50 -5.96
CA PRO C 466 19.52 26.45 -6.02
C PRO C 466 20.19 26.28 -4.68
N PRO C 467 20.80 25.12 -4.39
CA PRO C 467 21.50 24.84 -3.15
C PRO C 467 22.53 25.90 -2.89
N GLY C 468 22.54 26.40 -1.67
CA GLY C 468 23.48 27.42 -1.24
C GLY C 468 23.02 28.86 -1.51
N ALA C 469 21.93 29.05 -2.27
CA ALA C 469 21.49 30.40 -2.59
C ALA C 469 20.67 31.09 -1.49
N GLY C 470 19.88 30.33 -0.76
CA GLY C 470 19.00 30.89 0.27
C GLY C 470 17.61 31.18 -0.29
N ALA C 471 16.60 31.10 0.55
CA ALA C 471 15.26 31.38 0.05
C ALA C 471 15.13 32.90 -0.15
N PRO C 472 14.36 33.39 -1.13
CA PRO C 472 14.08 34.79 -1.37
C PRO C 472 13.19 35.37 -0.28
N THR C 473 13.33 36.67 -0.03
CA THR C 473 12.51 37.32 0.98
C THR C 473 11.35 38.12 0.43
N THR C 474 11.42 38.50 -0.83
CA THR C 474 10.37 39.28 -1.47
C THR C 474 9.99 38.70 -2.80
N ARG C 475 8.89 39.20 -3.36
CA ARG C 475 8.41 38.78 -4.70
C ARG C 475 9.41 39.26 -5.77
N LYS C 476 10.01 40.45 -5.59
CA LYS C 476 10.96 40.93 -6.58
C LYS C 476 12.22 40.08 -6.59
N GLU C 477 12.70 39.71 -5.41
CA GLU C 477 13.89 38.90 -5.30
C GLU C 477 13.64 37.55 -5.98
N ALA C 478 12.46 36.98 -5.76
CA ALA C 478 12.10 35.71 -6.38
C ALA C 478 12.02 35.85 -7.90
N MET C 479 11.47 36.97 -8.38
CA MET C 479 11.30 37.27 -9.79
C MET C 479 12.63 37.39 -10.53
N LEU C 480 13.66 37.86 -9.84
CA LEU C 480 14.96 38.00 -10.48
C LEU C 480 15.77 36.70 -10.48
N GLY C 481 15.23 35.63 -9.90
CA GLY C 481 15.89 34.34 -9.84
C GLY C 481 15.28 33.42 -10.90
N THR C 482 15.27 32.12 -10.61
CA THR C 482 14.72 31.14 -11.56
C THR C 482 13.25 30.92 -11.26
N HIS C 483 12.39 31.11 -12.25
CA HIS C 483 10.97 30.99 -11.98
C HIS C 483 10.05 30.83 -13.17
N VAL C 484 8.80 30.50 -12.84
CA VAL C 484 7.71 30.46 -13.79
C VAL C 484 6.51 31.22 -13.27
N ILE C 485 5.85 31.94 -14.17
CA ILE C 485 4.61 32.60 -13.80
C ILE C 485 3.48 31.66 -14.20
N TRP C 486 2.71 31.28 -13.20
CA TRP C 486 1.61 30.34 -13.33
C TRP C 486 0.27 31.06 -13.30
N ASP C 487 -0.44 31.08 -14.42
CA ASP C 487 -1.72 31.76 -14.46
C ASP C 487 -2.80 30.71 -14.38
N VAL C 488 -3.53 30.70 -13.28
CA VAL C 488 -4.50 29.64 -13.03
C VAL C 488 -5.69 29.72 -13.98
N GLY C 489 -5.86 30.86 -14.66
CA GLY C 489 -6.92 31.04 -15.61
C GLY C 489 -6.59 30.35 -16.94
N LEU C 490 -5.32 29.96 -17.13
CA LEU C 490 -4.90 29.27 -18.33
C LEU C 490 -4.59 27.82 -18.03
N GLN C 491 -3.93 27.57 -16.89
CA GLN C 491 -3.55 26.21 -16.54
C GLN C 491 -3.87 25.85 -15.09
N SER C 492 -4.60 24.75 -14.91
CA SER C 492 -4.96 24.28 -13.58
C SER C 492 -3.76 23.73 -12.81
N SER C 493 -2.68 23.43 -13.51
CA SER C 493 -1.50 22.91 -12.85
C SER C 493 -0.21 23.36 -13.51
N CYS C 494 0.87 23.30 -12.74
CA CYS C 494 2.19 23.68 -13.21
C CYS C 494 3.23 22.69 -12.68
N VAL C 495 4.16 22.29 -13.55
CA VAL C 495 5.15 21.29 -13.18
C VAL C 495 6.59 21.78 -13.22
N LEU C 496 7.30 21.62 -12.11
CA LEU C 496 8.70 22.01 -12.00
C LEU C 496 9.59 20.78 -11.96
N CYS C 497 10.78 20.86 -12.53
CA CYS C 497 11.74 19.76 -12.40
C CYS C 497 13.05 20.27 -11.82
N ILE C 498 13.41 19.75 -10.65
CA ILE C 498 14.57 20.17 -9.88
C ILE C 498 15.47 18.97 -9.55
N PRO C 499 16.78 19.16 -9.31
CA PRO C 499 17.68 18.14 -8.80
C PRO C 499 17.43 17.91 -7.31
N TRP C 500 17.74 16.71 -6.79
CA TRP C 500 17.67 16.48 -5.35
C TRP C 500 18.69 15.40 -5.00
N ILE C 501 19.68 15.69 -4.15
CA ILE C 501 20.69 14.68 -3.84
C ILE C 501 20.91 14.55 -2.33
N SER C 502 21.45 13.39 -1.86
CA SER C 502 21.88 13.03 -0.48
C SER C 502 21.74 11.53 -0.33
N ALA C 516 20.74 25.63 1.26
CA ALA C 516 21.23 24.35 1.77
C ALA C 516 20.97 23.28 0.69
N GLY C 517 19.72 22.73 0.61
CA GLY C 517 19.32 21.73 -0.41
C GLY C 517 18.53 22.43 -1.51
N GLY C 518 18.42 23.74 -1.38
CA GLY C 518 17.65 24.59 -2.27
C GLY C 518 16.26 24.76 -1.68
N TYR C 519 15.48 25.68 -2.26
CA TYR C 519 14.12 25.98 -1.81
C TYR C 519 13.09 26.16 -2.91
N ILE C 520 11.84 25.87 -2.55
CA ILE C 520 10.67 26.16 -3.37
C ILE C 520 9.81 27.19 -2.70
N THR C 521 9.49 28.25 -3.41
CA THR C 521 8.57 29.25 -2.88
C THR C 521 7.51 29.58 -3.90
N CYS C 522 6.41 30.09 -3.42
CA CYS C 522 5.34 30.57 -4.28
C CYS C 522 4.83 31.87 -3.74
N TRP C 523 4.79 32.88 -4.62
CA TRP C 523 4.39 34.24 -4.25
C TRP C 523 3.09 34.70 -4.93
N TYR C 524 2.33 35.53 -4.23
CA TYR C 524 1.09 36.07 -4.81
C TYR C 524 1.36 37.22 -5.74
N GLN C 525 1.68 36.93 -6.97
CA GLN C 525 1.95 38.04 -7.88
C GLN C 525 0.71 38.91 -7.97
N THR C 526 -0.45 38.26 -8.10
CA THR C 526 -1.73 38.98 -8.09
C THR C 526 -2.62 38.19 -7.17
N ASN C 527 -3.73 38.78 -6.77
CA ASN C 527 -4.69 37.98 -6.06
C ASN C 527 -5.57 37.23 -7.02
N ILE C 528 -6.48 36.45 -6.46
CA ILE C 528 -7.39 35.65 -7.25
C ILE C 528 -8.69 36.38 -7.40
N VAL C 529 -9.06 36.59 -8.63
CA VAL C 529 -10.24 37.30 -9.05
C VAL C 529 -11.36 36.35 -9.33
N VAL C 530 -12.51 36.61 -8.73
CA VAL C 530 -13.67 35.74 -8.93
C VAL C 530 -14.89 36.57 -9.30
N PRO C 531 -15.88 35.99 -10.01
CA PRO C 531 -17.16 36.57 -10.37
C PRO C 531 -18.17 36.66 -9.24
N ALA C 532 -17.94 35.93 -8.15
CA ALA C 532 -18.91 35.90 -7.07
C ALA C 532 -18.24 35.55 -5.76
N ASP C 533 -18.84 36.01 -4.66
CA ASP C 533 -18.39 35.65 -3.33
C ASP C 533 -18.52 34.17 -3.08
N THR C 534 -17.54 33.60 -2.39
CA THR C 534 -17.56 32.21 -1.98
C THR C 534 -17.53 32.17 -0.47
N GLN C 535 -17.86 31.02 0.09
CA GLN C 535 -17.90 30.85 1.55
C GLN C 535 -16.59 30.39 2.15
N SER C 536 -15.61 30.16 1.31
CA SER C 536 -14.31 29.66 1.72
C SER C 536 -13.24 30.09 0.74
N ASP C 537 -11.99 29.78 1.08
CA ASP C 537 -10.83 30.10 0.27
C ASP C 537 -10.52 29.03 -0.79
N CYS C 538 -9.42 29.19 -1.53
CA CYS C 538 -9.07 28.24 -2.58
C CYS C 538 -7.90 27.40 -2.09
N LYS C 539 -7.78 26.17 -2.56
CA LYS C 539 -6.63 25.37 -2.15
C LYS C 539 -5.71 24.98 -3.30
N ILE C 540 -4.44 24.74 -2.96
CA ILE C 540 -3.44 24.16 -3.88
C ILE C 540 -2.95 22.82 -3.34
N LEU C 541 -2.94 21.81 -4.20
CA LEU C 541 -2.39 20.52 -3.81
C LEU C 541 -1.02 20.38 -4.45
N CYS C 542 -0.09 19.75 -3.76
CA CYS C 542 1.25 19.53 -4.28
C CYS C 542 1.56 18.05 -4.38
N PHE C 543 2.17 17.64 -5.49
CA PHE C 543 2.53 16.25 -5.71
C PHE C 543 4.02 16.08 -5.95
N VAL C 544 4.59 14.97 -5.53
CA VAL C 544 6.02 14.72 -5.82
C VAL C 544 6.31 13.32 -6.31
N SER C 545 7.26 13.23 -7.23
CA SER C 545 7.78 11.95 -7.70
C SER C 545 9.19 12.02 -8.23
N ALA C 546 9.84 10.87 -8.36
CA ALA C 546 11.17 10.84 -8.99
C ALA C 546 11.03 11.20 -10.47
N CYS C 547 11.84 12.14 -10.98
CA CYS C 547 11.67 12.62 -12.38
C CYS C 547 12.37 11.70 -13.39
N ASN C 548 13.64 11.38 -13.19
CA ASN C 548 14.34 10.56 -14.23
C ASN C 548 15.70 10.08 -13.72
N ASP C 549 16.14 8.91 -14.17
CA ASP C 549 17.49 8.41 -13.80
C ASP C 549 17.71 8.58 -12.29
N PHE C 550 16.74 8.16 -11.47
CA PHE C 550 16.94 8.24 -10.00
C PHE C 550 17.67 6.99 -9.52
N SER C 551 18.73 7.17 -8.73
CA SER C 551 19.48 6.04 -8.17
C SER C 551 19.70 6.06 -6.67
N VAL C 552 19.77 4.86 -6.10
CA VAL C 552 20.03 4.63 -4.67
C VAL C 552 21.22 3.69 -4.50
N ARG C 553 22.02 3.85 -3.43
CA ARG C 553 23.24 3.04 -3.27
C ARG C 553 23.51 2.07 -2.13
N MET C 554 22.83 2.09 -1.01
CA MET C 554 23.22 1.13 0.03
C MET C 554 22.08 0.89 0.98
N LEU C 555 21.53 -0.32 0.98
CA LEU C 555 20.34 -0.59 1.78
C LEU C 555 20.61 -0.54 3.28
N LYS C 556 19.71 0.13 4.01
CA LYS C 556 19.75 0.28 5.47
C LYS C 556 18.33 0.10 6.06
N ASP C 557 18.23 -0.01 7.38
CA ASP C 557 16.91 -0.04 8.04
C ASP C 557 16.13 1.25 7.87
N THR C 558 14.80 1.15 7.81
CA THR C 558 14.01 2.38 7.78
C THR C 558 14.10 3.02 9.16
N PRO C 559 14.12 4.35 9.29
CA PRO C 559 14.09 5.08 10.53
C PRO C 559 12.68 5.26 11.07
N PHE C 560 11.67 4.69 10.41
CA PHE C 560 10.32 4.96 10.82
C PHE C 560 9.68 3.87 11.69
N ILE C 561 10.47 2.89 12.09
CA ILE C 561 10.00 1.86 13.00
C ILE C 561 10.65 2.06 14.38
#